data_2KNP
#
_entry.id   2KNP
#
_entity_poly.entity_id   1
_entity_poly.type   'polypeptide(L)'
_entity_poly.pdbx_seq_one_letter_code
;GCEGKQCGLFRSCGGGCRCWPTVTPGVGICSSS
;
_entity_poly.pdbx_strand_id   A
#
# COMPACT_ATOMS: atom_id res chain seq x y z
N GLY A 1 10.02 -1.18 5.80
CA GLY A 1 10.56 0.17 5.52
C GLY A 1 9.46 1.20 5.36
N CYS A 2 8.43 0.86 4.60
CA CYS A 2 7.31 1.76 4.39
C CYS A 2 5.98 1.04 4.65
N GLU A 3 5.96 0.16 5.63
CA GLU A 3 4.77 -0.59 5.97
C GLU A 3 3.82 0.25 6.81
N GLY A 4 2.61 -0.26 7.00
CA GLY A 4 1.62 0.45 7.78
C GLY A 4 1.13 1.70 7.09
N LYS A 5 1.01 1.63 5.77
CA LYS A 5 0.52 2.75 4.97
C LYS A 5 -0.56 2.26 4.03
N GLN A 6 -1.24 3.17 3.39
CA GLN A 6 -2.30 2.82 2.47
C GLN A 6 -1.83 3.02 1.03
N CYS A 7 -2.05 2.03 0.19
CA CYS A 7 -1.63 2.14 -1.20
C CYS A 7 -2.83 2.19 -2.13
N GLY A 8 -2.57 2.21 -3.43
CA GLY A 8 -3.64 2.28 -4.40
C GLY A 8 -3.74 3.68 -4.97
N LEU A 9 -4.92 4.29 -4.87
CA LEU A 9 -5.11 5.64 -5.37
C LEU A 9 -4.44 6.63 -4.42
N PHE A 10 -4.79 6.56 -3.15
CA PHE A 10 -4.21 7.44 -2.14
C PHE A 10 -3.02 6.76 -1.46
N ARG A 11 -2.02 6.45 -2.27
CA ARG A 11 -0.83 5.77 -1.79
C ARG A 11 0.02 6.69 -0.90
N SER A 12 0.15 6.30 0.35
CA SER A 12 0.94 7.06 1.32
C SER A 12 2.31 6.42 1.49
N CYS A 13 2.77 5.77 0.44
CA CYS A 13 4.07 5.11 0.46
C CYS A 13 4.74 5.24 -0.90
N GLY A 14 6.05 5.13 -0.92
CA GLY A 14 6.79 5.24 -2.16
C GLY A 14 8.15 4.58 -2.05
N GLY A 15 8.63 4.03 -3.15
CA GLY A 15 9.92 3.39 -3.14
C GLY A 15 9.80 1.89 -3.36
N GLY A 16 9.93 1.14 -2.28
CA GLY A 16 9.83 -0.30 -2.37
C GLY A 16 8.91 -0.85 -1.32
N CYS A 17 7.62 -0.83 -1.61
CA CYS A 17 6.62 -1.33 -0.68
C CYS A 17 5.62 -2.19 -1.42
N ARG A 18 5.19 -3.26 -0.77
CA ARG A 18 4.23 -4.17 -1.37
C ARG A 18 2.82 -3.63 -1.18
N CYS A 19 2.07 -3.54 -2.25
CA CYS A 19 0.71 -3.05 -2.18
C CYS A 19 -0.27 -4.20 -2.11
N TRP A 20 -0.66 -4.54 -0.88
CA TRP A 20 -1.59 -5.63 -0.67
C TRP A 20 -3.03 -5.09 -0.61
N PRO A 21 -3.87 -5.48 -1.58
CA PRO A 21 -5.26 -5.02 -1.67
C PRO A 21 -6.08 -5.37 -0.43
N THR A 22 -7.07 -4.53 -0.14
CA THR A 22 -7.92 -4.74 1.00
C THR A 22 -9.34 -5.13 0.56
N VAL A 23 -10.33 -4.71 1.33
CA VAL A 23 -11.72 -5.02 1.02
C VAL A 23 -12.27 -4.07 -0.05
N THR A 24 -11.63 -2.92 -0.20
CA THR A 24 -12.07 -1.95 -1.17
C THR A 24 -11.23 -2.04 -2.45
N PRO A 25 -11.88 -2.22 -3.60
CA PRO A 25 -11.20 -2.32 -4.90
C PRO A 25 -10.40 -1.06 -5.22
N GLY A 26 -9.08 -1.21 -5.25
CA GLY A 26 -8.21 -0.08 -5.53
C GLY A 26 -7.56 0.43 -4.27
N VAL A 27 -7.98 -0.12 -3.14
CA VAL A 27 -7.44 0.25 -1.84
C VAL A 27 -6.62 -0.89 -1.28
N GLY A 28 -5.44 -0.57 -0.76
CA GLY A 28 -4.59 -1.58 -0.19
C GLY A 28 -3.69 -1.03 0.87
N ILE A 29 -2.77 -1.83 1.34
CA ILE A 29 -1.82 -1.42 2.37
C ILE A 29 -0.40 -1.71 1.95
N CYS A 30 0.46 -0.74 2.23
CA CYS A 30 1.88 -0.86 1.91
C CYS A 30 2.58 -1.69 2.96
N SER A 31 3.34 -2.66 2.50
CA SER A 31 4.08 -3.55 3.38
C SER A 31 5.53 -3.10 3.52
N SER A 32 6.29 -3.85 4.30
CA SER A 32 7.70 -3.55 4.56
C SER A 32 8.50 -3.26 3.29
N SER A 33 8.35 -4.12 2.29
CA SER A 33 9.05 -3.98 1.03
C SER A 33 8.23 -4.63 -0.08
N GLY A 1 8.20 1.55 9.09
CA GLY A 1 8.69 2.59 8.16
C GLY A 1 7.72 2.88 7.03
N CYS A 2 7.81 2.09 5.97
CA CYS A 2 6.94 2.27 4.81
C CYS A 2 5.61 1.55 5.00
N GLU A 3 5.59 0.57 5.89
CA GLU A 3 4.37 -0.18 6.16
C GLU A 3 3.35 0.68 6.91
N GLY A 4 2.13 0.20 6.95
CA GLY A 4 1.06 0.91 7.61
C GLY A 4 0.62 2.14 6.83
N LYS A 5 0.61 2.02 5.51
CA LYS A 5 0.20 3.11 4.63
C LYS A 5 -0.81 2.59 3.63
N GLN A 6 -1.42 3.49 2.90
CA GLN A 6 -2.41 3.12 1.91
C GLN A 6 -1.79 3.17 0.52
N CYS A 7 -2.14 2.21 -0.32
CA CYS A 7 -1.61 2.17 -1.67
C CYS A 7 -2.74 2.07 -2.68
N GLY A 8 -2.41 1.81 -3.94
CA GLY A 8 -3.40 1.73 -4.98
C GLY A 8 -3.83 3.11 -5.44
N LEU A 9 -5.02 3.52 -5.04
CA LEU A 9 -5.53 4.83 -5.40
C LEU A 9 -4.75 5.92 -4.66
N PHE A 10 -5.04 6.05 -3.37
CA PHE A 10 -4.37 7.04 -2.54
C PHE A 10 -3.09 6.45 -1.96
N ARG A 11 -2.12 6.22 -2.83
CA ARG A 11 -0.85 5.66 -2.43
C ARG A 11 -0.03 6.66 -1.64
N SER A 12 0.23 6.33 -0.39
CA SER A 12 1.01 7.19 0.50
C SER A 12 2.34 6.53 0.84
N CYS A 13 2.87 5.77 -0.11
CA CYS A 13 4.13 5.07 0.07
C CYS A 13 4.88 4.99 -1.25
N GLY A 14 6.15 4.62 -1.18
CA GLY A 14 6.96 4.51 -2.38
C GLY A 14 8.26 3.80 -2.11
N GLY A 15 8.72 3.02 -3.07
CA GLY A 15 9.97 2.30 -2.90
C GLY A 15 9.81 0.82 -3.18
N GLY A 16 10.28 0.00 -2.26
CA GLY A 16 10.17 -1.43 -2.43
C GLY A 16 9.11 -2.03 -1.54
N CYS A 17 8.09 -1.25 -1.25
CA CYS A 17 6.98 -1.69 -0.41
C CYS A 17 5.91 -2.34 -1.26
N ARG A 18 5.32 -3.39 -0.72
CA ARG A 18 4.28 -4.13 -1.44
C ARG A 18 2.93 -3.46 -1.26
N CYS A 19 2.09 -3.61 -2.27
CA CYS A 19 0.75 -3.06 -2.22
C CYS A 19 -0.25 -4.19 -2.12
N TRP A 20 -0.62 -4.51 -0.90
CA TRP A 20 -1.57 -5.59 -0.64
C TRP A 20 -2.99 -5.03 -0.61
N PRO A 21 -3.84 -5.46 -1.57
CA PRO A 21 -5.22 -4.99 -1.68
C PRO A 21 -6.06 -5.34 -0.45
N THR A 22 -7.03 -4.49 -0.16
CA THR A 22 -7.90 -4.69 0.98
C THR A 22 -9.29 -5.14 0.52
N VAL A 23 -10.30 -4.83 1.31
CA VAL A 23 -11.67 -5.21 0.99
C VAL A 23 -12.28 -4.26 -0.04
N THR A 24 -11.68 -3.08 -0.16
CA THR A 24 -12.18 -2.09 -1.10
C THR A 24 -11.35 -2.10 -2.38
N PRO A 25 -12.01 -2.28 -3.54
CA PRO A 25 -11.35 -2.29 -4.85
C PRO A 25 -10.58 -1.01 -5.12
N GLY A 26 -9.25 -1.13 -5.22
CA GLY A 26 -8.42 0.03 -5.47
C GLY A 26 -7.72 0.49 -4.21
N VAL A 27 -8.16 -0.04 -3.08
CA VAL A 27 -7.58 0.30 -1.80
C VAL A 27 -6.68 -0.83 -1.32
N GLY A 28 -5.47 -0.48 -0.94
CA GLY A 28 -4.54 -1.46 -0.46
C GLY A 28 -3.65 -0.89 0.62
N ILE A 29 -2.78 -1.72 1.16
CA ILE A 29 -1.88 -1.28 2.21
C ILE A 29 -0.43 -1.61 1.88
N CYS A 30 0.42 -0.64 2.14
CA CYS A 30 1.86 -0.76 1.91
C CYS A 30 2.50 -1.53 3.04
N SER A 31 3.37 -2.45 2.67
CA SER A 31 4.06 -3.27 3.64
C SER A 31 5.53 -2.88 3.72
N SER A 32 6.26 -3.50 4.65
CA SER A 32 7.69 -3.22 4.84
C SER A 32 8.46 -3.37 3.53
N SER A 33 8.11 -4.41 2.79
CA SER A 33 8.73 -4.73 1.52
C SER A 33 7.71 -5.43 0.65
N GLY A 1 9.93 -0.99 7.11
CA GLY A 1 9.98 -0.37 5.76
C GLY A 1 8.99 0.78 5.65
N CYS A 2 8.05 0.65 4.74
CA CYS A 2 7.04 1.67 4.55
C CYS A 2 5.66 1.11 4.86
N GLU A 3 5.57 0.37 5.96
CA GLU A 3 4.32 -0.24 6.39
C GLU A 3 3.38 0.82 6.97
N GLY A 4 2.11 0.47 7.02
CA GLY A 4 1.12 1.38 7.57
C GLY A 4 0.75 2.51 6.63
N LYS A 5 0.59 2.21 5.36
CA LYS A 5 0.20 3.21 4.37
C LYS A 5 -0.79 2.59 3.41
N GLN A 6 -1.30 3.43 2.53
CA GLN A 6 -2.26 2.99 1.53
C GLN A 6 -1.64 2.96 0.15
N CYS A 7 -2.02 1.99 -0.65
CA CYS A 7 -1.49 1.88 -1.99
C CYS A 7 -2.63 1.78 -3.00
N GLY A 8 -2.30 1.54 -4.26
CA GLY A 8 -3.31 1.46 -5.29
C GLY A 8 -3.71 2.83 -5.77
N LEU A 9 -4.89 3.28 -5.37
CA LEU A 9 -5.39 4.58 -5.76
C LEU A 9 -4.63 5.67 -5.01
N PHE A 10 -4.91 5.81 -3.72
CA PHE A 10 -4.24 6.80 -2.88
C PHE A 10 -2.95 6.20 -2.31
N ARG A 11 -2.03 5.89 -3.22
CA ARG A 11 -0.75 5.31 -2.85
C ARG A 11 0.14 6.31 -2.13
N SER A 12 0.39 6.03 -0.85
CA SER A 12 1.24 6.88 -0.03
C SER A 12 2.63 6.27 0.06
N CYS A 13 2.88 5.30 -0.82
CA CYS A 13 4.15 4.61 -0.87
C CYS A 13 4.57 4.44 -2.33
N GLY A 14 5.85 4.27 -2.56
CA GLY A 14 6.34 4.10 -3.91
C GLY A 14 7.03 2.78 -4.10
N GLY A 15 8.08 2.76 -4.91
CA GLY A 15 8.81 1.54 -5.15
C GLY A 15 9.66 1.15 -3.96
N GLY A 16 9.37 -0.01 -3.40
CA GLY A 16 10.10 -0.47 -2.24
C GLY A 16 9.17 -0.95 -1.15
N CYS A 17 7.87 -0.93 -1.44
CA CYS A 17 6.86 -1.37 -0.51
C CYS A 17 5.86 -2.26 -1.22
N ARG A 18 5.36 -3.27 -0.54
CA ARG A 18 4.40 -4.19 -1.13
C ARG A 18 3.01 -3.61 -1.08
N CYS A 19 2.25 -3.79 -2.15
CA CYS A 19 0.90 -3.29 -2.21
C CYS A 19 -0.09 -4.44 -2.07
N TRP A 20 -0.61 -4.61 -0.86
CA TRP A 20 -1.57 -5.66 -0.59
C TRP A 20 -2.98 -5.10 -0.60
N PRO A 21 -3.80 -5.52 -1.57
CA PRO A 21 -5.18 -5.06 -1.71
C PRO A 21 -6.04 -5.39 -0.49
N THR A 22 -7.00 -4.54 -0.21
CA THR A 22 -7.90 -4.73 0.92
C THR A 22 -9.29 -5.15 0.44
N VAL A 23 -10.29 -4.85 1.25
CA VAL A 23 -11.66 -5.20 0.90
C VAL A 23 -12.25 -4.20 -0.10
N THR A 24 -11.73 -2.99 -0.09
CA THR A 24 -12.20 -1.95 -0.99
C THR A 24 -11.43 -1.98 -2.30
N PRO A 25 -12.13 -2.11 -3.43
CA PRO A 25 -11.52 -2.15 -4.76
C PRO A 25 -10.69 -0.89 -5.06
N GLY A 26 -9.39 -1.07 -5.23
CA GLY A 26 -8.52 0.05 -5.50
C GLY A 26 -7.79 0.51 -4.26
N VAL A 27 -8.15 -0.08 -3.13
CA VAL A 27 -7.54 0.25 -1.85
C VAL A 27 -6.63 -0.88 -1.39
N GLY A 28 -5.42 -0.54 -1.01
CA GLY A 28 -4.48 -1.51 -0.54
C GLY A 28 -3.59 -0.93 0.53
N ILE A 29 -2.78 -1.76 1.14
CA ILE A 29 -1.87 -1.30 2.18
C ILE A 29 -0.43 -1.61 1.84
N CYS A 30 0.42 -0.64 2.12
CA CYS A 30 1.85 -0.77 1.86
C CYS A 30 2.52 -1.57 2.98
N SER A 31 3.35 -2.50 2.58
CA SER A 31 4.05 -3.35 3.52
C SER A 31 5.54 -2.96 3.58
N SER A 32 6.35 -3.83 4.18
CA SER A 32 7.78 -3.59 4.34
C SER A 32 8.48 -3.28 3.01
N SER A 33 8.43 -4.22 2.08
CA SER A 33 9.07 -4.07 0.80
C SER A 33 8.31 -4.88 -0.25
N GLY A 1 9.65 -1.39 8.34
CA GLY A 1 9.98 -1.02 6.95
C GLY A 1 9.04 0.02 6.39
N CYS A 2 8.26 -0.36 5.39
CA CYS A 2 7.31 0.54 4.76
C CYS A 2 5.88 0.12 5.06
N GLU A 3 5.70 -0.60 6.16
CA GLU A 3 4.39 -1.09 6.56
C GLU A 3 3.59 0.03 7.21
N GLY A 4 2.29 -0.21 7.39
CA GLY A 4 1.44 0.78 8.01
C GLY A 4 1.15 1.97 7.10
N LYS A 5 1.08 1.70 5.80
CA LYS A 5 0.79 2.74 4.82
C LYS A 5 -0.32 2.25 3.92
N GLN A 6 -0.87 3.16 3.14
CA GLN A 6 -1.96 2.80 2.24
C GLN A 6 -1.59 3.12 0.80
N CYS A 7 -1.90 2.19 -0.09
CA CYS A 7 -1.63 2.38 -1.50
C CYS A 7 -2.93 2.47 -2.27
N GLY A 8 -2.86 2.88 -3.52
CA GLY A 8 -4.06 3.03 -4.32
C GLY A 8 -4.57 4.45 -4.24
N LEU A 9 -4.45 5.19 -5.34
CA LEU A 9 -4.87 6.59 -5.41
C LEU A 9 -3.94 7.46 -4.56
N PHE A 10 -4.19 7.50 -3.27
CA PHE A 10 -3.38 8.29 -2.35
C PHE A 10 -2.37 7.39 -1.65
N ARG A 11 -1.29 7.07 -2.35
CA ARG A 11 -0.24 6.22 -1.80
C ARG A 11 0.58 6.96 -0.76
N SER A 12 0.64 6.39 0.44
CA SER A 12 1.39 6.99 1.54
C SER A 12 2.72 6.27 1.74
N CYS A 13 3.10 5.46 0.76
CA CYS A 13 4.34 4.70 0.82
C CYS A 13 5.20 5.00 -0.40
N GLY A 14 6.44 4.51 -0.37
CA GLY A 14 7.35 4.74 -1.47
C GLY A 14 7.28 3.65 -2.53
N GLY A 15 8.31 3.56 -3.35
CA GLY A 15 8.35 2.56 -4.39
C GLY A 15 8.81 1.20 -3.89
N GLY A 16 9.47 1.19 -2.75
CA GLY A 16 9.96 -0.05 -2.19
C GLY A 16 9.03 -0.58 -1.11
N CYS A 17 7.77 -0.74 -1.46
CA CYS A 17 6.76 -1.24 -0.53
C CYS A 17 5.74 -2.08 -1.30
N ARG A 18 5.29 -3.16 -0.69
CA ARG A 18 4.33 -4.04 -1.31
C ARG A 18 2.93 -3.50 -1.15
N CYS A 19 2.12 -3.59 -2.19
CA CYS A 19 0.76 -3.12 -2.14
C CYS A 19 -0.21 -4.29 -2.09
N TRP A 20 -0.69 -4.60 -0.90
CA TRP A 20 -1.62 -5.70 -0.73
C TRP A 20 -3.04 -5.16 -0.66
N PRO A 21 -3.89 -5.55 -1.64
CA PRO A 21 -5.27 -5.08 -1.73
C PRO A 21 -6.08 -5.38 -0.47
N THR A 22 -7.05 -4.52 -0.19
CA THR A 22 -7.90 -4.68 0.98
C THR A 22 -9.32 -5.06 0.56
N VAL A 23 -10.30 -4.65 1.36
CA VAL A 23 -11.69 -4.95 1.08
C VAL A 23 -12.26 -4.00 0.03
N THR A 24 -11.64 -2.85 -0.12
CA THR A 24 -12.08 -1.87 -1.08
C THR A 24 -11.30 -1.98 -2.38
N PRO A 25 -11.99 -2.19 -3.51
CA PRO A 25 -11.36 -2.31 -4.82
C PRO A 25 -10.56 -1.07 -5.19
N GLY A 26 -9.24 -1.23 -5.21
CA GLY A 26 -8.36 -0.12 -5.54
C GLY A 26 -7.60 0.36 -4.32
N VAL A 27 -8.03 -0.09 -3.16
CA VAL A 27 -7.41 0.27 -1.89
C VAL A 27 -6.56 -0.89 -1.39
N GLY A 28 -5.35 -0.58 -0.94
CA GLY A 28 -4.47 -1.60 -0.43
C GLY A 28 -3.56 -1.04 0.63
N ILE A 29 -2.82 -1.92 1.28
CA ILE A 29 -1.90 -1.51 2.33
C ILE A 29 -0.46 -1.80 1.93
N CYS A 30 0.39 -0.84 2.23
CA CYS A 30 1.81 -0.94 1.92
C CYS A 30 2.52 -1.77 2.98
N SER A 31 3.35 -2.69 2.50
CA SER A 31 4.09 -3.58 3.37
C SER A 31 5.57 -3.18 3.38
N SER A 32 6.41 -4.06 3.93
CA SER A 32 7.84 -3.82 4.05
C SER A 32 8.48 -3.36 2.73
N SER A 33 8.54 -4.25 1.75
CA SER A 33 9.13 -3.94 0.46
C SER A 33 8.49 -4.80 -0.62
N GLY A 1 9.40 -0.84 8.52
CA GLY A 1 9.78 -0.68 7.10
C GLY A 1 8.90 0.32 6.38
N CYS A 2 8.20 -0.13 5.36
CA CYS A 2 7.32 0.74 4.59
C CYS A 2 5.84 0.45 4.90
N GLU A 3 5.59 -0.13 6.06
CA GLU A 3 4.24 -0.48 6.47
C GLU A 3 3.52 0.75 7.03
N GLY A 4 2.25 0.58 7.35
CA GLY A 4 1.46 1.66 7.91
C GLY A 4 1.09 2.72 6.89
N LYS A 5 1.06 2.34 5.62
CA LYS A 5 0.72 3.28 4.56
C LYS A 5 -0.27 2.62 3.61
N GLN A 6 -0.93 3.41 2.80
CA GLN A 6 -1.89 2.88 1.85
C GLN A 6 -1.36 3.04 0.43
N CYS A 7 -1.80 2.17 -0.46
CA CYS A 7 -1.35 2.22 -1.84
C CYS A 7 -2.53 2.42 -2.79
N GLY A 8 -2.24 2.32 -4.09
CA GLY A 8 -3.28 2.51 -5.08
C GLY A 8 -3.30 3.93 -5.60
N LEU A 9 -4.46 4.56 -5.59
CA LEU A 9 -4.59 5.94 -6.05
C LEU A 9 -3.90 6.89 -5.09
N PHE A 10 -4.03 6.59 -3.81
CA PHE A 10 -3.43 7.40 -2.75
C PHE A 10 -2.24 6.67 -2.15
N ARG A 11 -1.30 6.29 -2.99
CA ARG A 11 -0.11 5.57 -2.55
C ARG A 11 0.81 6.47 -1.72
N SER A 12 0.95 6.14 -0.44
CA SER A 12 1.80 6.89 0.46
C SER A 12 3.18 6.24 0.55
N CYS A 13 3.35 5.13 -0.16
CA CYS A 13 4.60 4.41 -0.17
C CYS A 13 5.26 4.49 -1.55
N GLY A 14 6.37 3.79 -1.72
CA GLY A 14 7.07 3.80 -2.98
C GLY A 14 7.11 2.43 -3.63
N GLY A 15 8.02 2.25 -4.58
CA GLY A 15 8.15 0.96 -5.25
C GLY A 15 8.77 -0.10 -4.38
N GLY A 16 9.45 0.33 -3.32
CA GLY A 16 10.09 -0.59 -2.40
C GLY A 16 9.16 -1.03 -1.30
N CYS A 17 7.86 -1.02 -1.59
CA CYS A 17 6.85 -1.43 -0.65
C CYS A 17 5.78 -2.22 -1.38
N ARG A 18 5.30 -3.28 -0.76
CA ARG A 18 4.29 -4.12 -1.38
C ARG A 18 2.91 -3.54 -1.19
N CYS A 19 2.11 -3.62 -2.24
CA CYS A 19 0.75 -3.12 -2.19
C CYS A 19 -0.22 -4.29 -2.06
N TRP A 20 -0.68 -4.54 -0.84
CA TRP A 20 -1.61 -5.62 -0.59
C TRP A 20 -3.04 -5.07 -0.55
N PRO A 21 -3.86 -5.46 -1.52
CA PRO A 21 -5.26 -5.00 -1.63
C PRO A 21 -6.09 -5.35 -0.41
N THR A 22 -7.09 -4.51 -0.14
CA THR A 22 -7.98 -4.71 0.98
C THR A 22 -9.36 -5.15 0.51
N VAL A 23 -10.38 -4.79 1.29
CA VAL A 23 -11.75 -5.14 0.95
C VAL A 23 -12.32 -4.19 -0.11
N THR A 24 -11.70 -3.03 -0.23
CA THR A 24 -12.16 -2.04 -1.20
C THR A 24 -11.31 -2.08 -2.46
N PRO A 25 -11.94 -2.30 -3.62
CA PRO A 25 -11.25 -2.35 -4.92
C PRO A 25 -10.49 -1.06 -5.21
N GLY A 26 -9.16 -1.13 -5.19
CA GLY A 26 -8.34 0.04 -5.45
C GLY A 26 -7.66 0.51 -4.18
N VAL A 27 -8.08 -0.06 -3.06
CA VAL A 27 -7.52 0.29 -1.77
C VAL A 27 -6.63 -0.85 -1.27
N GLY A 28 -5.44 -0.49 -0.82
CA GLY A 28 -4.52 -1.48 -0.33
C GLY A 28 -3.57 -0.89 0.68
N ILE A 29 -2.78 -1.73 1.32
CA ILE A 29 -1.82 -1.28 2.32
C ILE A 29 -0.41 -1.64 1.92
N CYS A 30 0.49 -0.72 2.22
CA CYS A 30 1.91 -0.87 1.92
C CYS A 30 2.57 -1.71 3.00
N SER A 31 3.38 -2.65 2.57
CA SER A 31 4.08 -3.54 3.47
C SER A 31 5.55 -3.12 3.62
N SER A 32 6.31 -3.92 4.37
CA SER A 32 7.73 -3.65 4.63
C SER A 32 8.50 -3.36 3.35
N SER A 33 8.34 -4.22 2.36
CA SER A 33 9.02 -4.09 1.09
C SER A 33 8.16 -4.74 0.02
N GLY A 1 9.94 2.09 6.88
CA GLY A 1 9.73 2.39 5.45
C GLY A 1 8.33 2.92 5.19
N CYS A 2 7.58 2.21 4.36
CA CYS A 2 6.22 2.60 4.05
C CYS A 2 5.23 1.56 4.56
N GLU A 3 5.61 0.87 5.63
CA GLU A 3 4.76 -0.16 6.21
C GLU A 3 3.58 0.48 6.93
N GLY A 4 2.45 -0.20 6.88
CA GLY A 4 1.25 0.30 7.53
C GLY A 4 0.75 1.58 6.90
N LYS A 5 0.73 1.63 5.59
CA LYS A 5 0.24 2.79 4.86
C LYS A 5 -0.79 2.36 3.84
N GLN A 6 -1.47 3.32 3.26
CA GLN A 6 -2.51 3.05 2.28
C GLN A 6 -2.05 3.41 0.88
N CYS A 7 -2.26 2.51 -0.06
CA CYS A 7 -1.87 2.74 -1.44
C CYS A 7 -3.04 2.43 -2.38
N GLY A 8 -2.94 2.92 -3.60
CA GLY A 8 -3.98 2.69 -4.59
C GLY A 8 -4.56 3.97 -5.14
N LEU A 9 -4.32 4.20 -6.43
CA LEU A 9 -4.83 5.37 -7.15
C LEU A 9 -4.40 6.69 -6.48
N PHE A 10 -5.30 7.25 -5.66
CA PHE A 10 -5.05 8.50 -4.97
C PHE A 10 -4.13 8.32 -3.77
N ARG A 11 -3.77 7.07 -3.50
CA ARG A 11 -2.89 6.77 -2.39
C ARG A 11 -1.51 6.40 -2.90
N SER A 12 -0.59 7.35 -2.85
CA SER A 12 0.77 7.13 -3.29
C SER A 12 1.58 6.43 -2.20
N CYS A 13 2.50 5.57 -2.61
CA CYS A 13 3.33 4.84 -1.66
C CYS A 13 4.69 4.57 -2.28
N GLY A 14 5.62 4.07 -1.47
CA GLY A 14 6.95 3.79 -1.96
C GLY A 14 7.03 2.44 -2.66
N GLY A 15 7.86 2.35 -3.70
CA GLY A 15 8.01 1.12 -4.44
C GLY A 15 8.74 0.04 -3.67
N GLY A 16 9.28 0.40 -2.51
CA GLY A 16 10.00 -0.56 -1.69
C GLY A 16 9.06 -1.47 -0.94
N CYS A 17 7.85 -0.97 -0.67
CA CYS A 17 6.85 -1.74 0.05
C CYS A 17 5.82 -2.30 -0.92
N ARG A 18 5.27 -3.45 -0.58
CA ARG A 18 4.28 -4.13 -1.42
C ARG A 18 2.91 -3.54 -1.18
N CYS A 19 2.15 -3.36 -2.23
CA CYS A 19 0.80 -2.84 -2.12
C CYS A 19 -0.20 -3.98 -2.21
N TRP A 20 -0.57 -4.50 -1.05
CA TRP A 20 -1.52 -5.59 -0.99
C TRP A 20 -2.94 -5.05 -0.86
N PRO A 21 -3.81 -5.41 -1.81
CA PRO A 21 -5.21 -4.95 -1.83
C PRO A 21 -5.97 -5.29 -0.55
N THR A 22 -6.92 -4.44 -0.21
CA THR A 22 -7.73 -4.62 0.97
C THR A 22 -9.15 -5.03 0.61
N VAL A 23 -10.11 -4.66 1.45
CA VAL A 23 -11.51 -5.00 1.22
C VAL A 23 -12.15 -4.05 0.22
N THR A 24 -11.54 -2.90 0.02
CA THR A 24 -12.07 -1.92 -0.90
C THR A 24 -11.37 -2.04 -2.26
N PRO A 25 -12.16 -2.26 -3.33
CA PRO A 25 -11.61 -2.39 -4.68
C PRO A 25 -10.83 -1.16 -5.12
N GLY A 26 -9.51 -1.30 -5.20
CA GLY A 26 -8.65 -0.20 -5.59
C GLY A 26 -7.84 0.32 -4.42
N VAL A 27 -8.21 -0.13 -3.23
CA VAL A 27 -7.52 0.26 -2.02
C VAL A 27 -6.62 -0.86 -1.51
N GLY A 28 -5.40 -0.52 -1.17
CA GLY A 28 -4.46 -1.50 -0.68
C GLY A 28 -3.60 -0.93 0.43
N ILE A 29 -2.76 -1.77 1.00
CA ILE A 29 -1.88 -1.35 2.07
C ILE A 29 -0.45 -1.75 1.79
N CYS A 30 0.45 -0.84 2.10
CA CYS A 30 1.88 -1.06 1.90
C CYS A 30 2.42 -1.91 3.04
N SER A 31 3.16 -2.94 2.67
CA SER A 31 3.75 -3.86 3.61
C SER A 31 5.18 -3.44 3.96
N SER A 32 5.89 -4.28 4.70
CA SER A 32 7.27 -3.98 5.08
C SER A 32 8.16 -3.91 3.85
N SER A 33 7.91 -4.79 2.91
CA SER A 33 8.65 -4.87 1.67
C SER A 33 7.72 -5.42 0.61
N GLY A 1 9.21 -0.55 8.49
CA GLY A 1 9.49 -0.03 7.14
C GLY A 1 8.46 0.99 6.71
N CYS A 2 7.64 0.63 5.73
CA CYS A 2 6.61 1.53 5.22
C CYS A 2 5.24 0.90 5.40
N GLU A 3 5.08 0.16 6.50
CA GLU A 3 3.82 -0.51 6.81
C GLU A 3 2.79 0.50 7.29
N GLY A 4 1.52 0.11 7.23
CA GLY A 4 0.45 0.97 7.66
C GLY A 4 0.25 2.17 6.76
N LYS A 5 0.43 1.98 5.47
CA LYS A 5 0.25 3.04 4.50
C LYS A 5 -0.67 2.56 3.40
N GLN A 6 -1.12 3.47 2.56
CA GLN A 6 -2.00 3.12 1.47
C GLN A 6 -1.22 3.07 0.16
N CYS A 7 -1.56 2.13 -0.70
CA CYS A 7 -0.87 2.00 -1.96
C CYS A 7 -1.81 2.24 -3.14
N GLY A 8 -1.31 2.00 -4.34
CA GLY A 8 -2.12 2.20 -5.53
C GLY A 8 -2.09 3.64 -5.99
N LEU A 9 -3.24 4.29 -5.97
CA LEU A 9 -3.34 5.68 -6.37
C LEU A 9 -2.77 6.58 -5.27
N PHE A 10 -3.34 6.46 -4.08
CA PHE A 10 -2.91 7.24 -2.92
C PHE A 10 -1.77 6.53 -2.21
N ARG A 11 -0.72 6.25 -2.96
CA ARG A 11 0.44 5.55 -2.43
C ARG A 11 1.24 6.43 -1.46
N SER A 12 1.29 6.01 -0.21
CA SER A 12 2.01 6.73 0.82
C SER A 12 3.26 5.95 1.21
N CYS A 13 3.78 5.19 0.25
CA CYS A 13 4.97 4.39 0.46
C CYS A 13 5.87 4.45 -0.77
N GLY A 14 7.07 3.91 -0.65
CA GLY A 14 8.00 3.93 -1.77
C GLY A 14 7.91 2.69 -2.62
N GLY A 15 8.84 2.53 -3.55
CA GLY A 15 8.84 1.38 -4.42
C GLY A 15 9.45 0.15 -3.78
N GLY A 16 9.68 0.24 -2.47
CA GLY A 16 10.25 -0.89 -1.74
C GLY A 16 9.24 -1.50 -0.80
N CYS A 17 7.97 -1.20 -1.06
CA CYS A 17 6.88 -1.71 -0.24
C CYS A 17 5.84 -2.36 -1.15
N ARG A 18 5.24 -3.44 -0.68
CA ARG A 18 4.25 -4.14 -1.46
C ARG A 18 2.89 -3.49 -1.36
N CYS A 19 2.09 -3.67 -2.38
CA CYS A 19 0.75 -3.12 -2.42
C CYS A 19 -0.24 -4.25 -2.18
N TRP A 20 -0.56 -4.48 -0.92
CA TRP A 20 -1.48 -5.54 -0.54
C TRP A 20 -2.91 -5.00 -0.54
N PRO A 21 -3.73 -5.46 -1.51
CA PRO A 21 -5.11 -5.02 -1.65
C PRO A 21 -5.96 -5.33 -0.43
N THR A 22 -6.93 -4.47 -0.16
CA THR A 22 -7.82 -4.64 0.98
C THR A 22 -9.20 -5.11 0.51
N VAL A 23 -10.22 -4.82 1.30
CA VAL A 23 -11.58 -5.21 0.97
C VAL A 23 -12.20 -4.26 -0.04
N THR A 24 -11.66 -3.06 -0.13
CA THR A 24 -12.17 -2.07 -1.05
C THR A 24 -11.38 -2.09 -2.36
N PRO A 25 -12.07 -2.32 -3.50
CA PRO A 25 -11.44 -2.36 -4.82
C PRO A 25 -10.71 -1.06 -5.14
N GLY A 26 -9.39 -1.11 -5.17
CA GLY A 26 -8.60 0.07 -5.46
C GLY A 26 -7.84 0.53 -4.23
N VAL A 27 -8.21 -0.02 -3.09
CA VAL A 27 -7.58 0.32 -1.82
C VAL A 27 -6.65 -0.80 -1.39
N GLY A 28 -5.43 -0.43 -1.04
CA GLY A 28 -4.46 -1.40 -0.60
C GLY A 28 -3.56 -0.81 0.45
N ILE A 29 -2.80 -1.65 1.11
CA ILE A 29 -1.90 -1.21 2.16
C ILE A 29 -0.46 -1.61 1.87
N CYS A 30 0.44 -0.70 2.19
CA CYS A 30 1.87 -0.89 2.00
C CYS A 30 2.44 -1.72 3.13
N SER A 31 3.29 -2.65 2.77
CA SER A 31 3.93 -3.53 3.74
C SER A 31 5.40 -3.16 3.90
N SER A 32 6.16 -3.98 4.61
CA SER A 32 7.58 -3.73 4.82
C SER A 32 8.33 -3.72 3.49
N SER A 33 7.98 -4.68 2.65
CA SER A 33 8.57 -4.84 1.34
C SER A 33 7.54 -5.50 0.43
N GLY A 1 9.92 1.09 5.98
CA GLY A 1 9.56 2.42 6.55
C GLY A 1 8.32 3.01 5.89
N CYS A 2 7.63 2.21 5.10
CA CYS A 2 6.43 2.68 4.41
C CYS A 2 5.24 1.83 4.81
N GLU A 3 5.35 1.18 5.95
CA GLU A 3 4.29 0.33 6.45
C GLU A 3 3.16 1.16 7.04
N GLY A 4 1.99 0.56 7.15
CA GLY A 4 0.83 1.24 7.70
C GLY A 4 0.36 2.40 6.84
N LYS A 5 0.55 2.30 5.54
CA LYS A 5 0.12 3.35 4.63
C LYS A 5 -0.73 2.77 3.53
N GLN A 6 -1.41 3.63 2.79
CA GLN A 6 -2.29 3.19 1.72
C GLN A 6 -1.60 3.24 0.37
N CYS A 7 -1.97 2.30 -0.50
CA CYS A 7 -1.43 2.22 -1.83
C CYS A 7 -2.56 2.10 -2.84
N GLY A 8 -2.24 1.73 -4.07
CA GLY A 8 -3.26 1.59 -5.10
C GLY A 8 -3.69 2.95 -5.62
N LEU A 9 -4.78 3.46 -5.07
CA LEU A 9 -5.29 4.77 -5.47
C LEU A 9 -4.40 5.87 -4.90
N PHE A 10 -4.66 6.23 -3.65
CA PHE A 10 -3.87 7.25 -2.97
C PHE A 10 -2.62 6.63 -2.37
N ARG A 11 -1.74 6.18 -3.25
CA ARG A 11 -0.50 5.53 -2.85
C ARG A 11 0.48 6.52 -2.22
N SER A 12 0.81 6.30 -0.96
CA SER A 12 1.75 7.15 -0.25
C SER A 12 3.08 6.42 -0.08
N CYS A 13 3.30 5.43 -0.94
CA CYS A 13 4.51 4.61 -0.89
C CYS A 13 5.03 4.36 -2.30
N GLY A 14 6.27 3.89 -2.39
CA GLY A 14 6.86 3.62 -3.68
C GLY A 14 6.81 2.15 -4.03
N GLY A 15 7.47 1.77 -5.12
CA GLY A 15 7.48 0.39 -5.57
C GLY A 15 8.31 -0.53 -4.68
N GLY A 16 9.01 0.08 -3.71
CA GLY A 16 9.83 -0.69 -2.79
C GLY A 16 8.99 -1.38 -1.74
N CYS A 17 7.76 -0.93 -1.60
CA CYS A 17 6.82 -1.47 -0.63
C CYS A 17 5.75 -2.26 -1.37
N ARG A 18 5.26 -3.33 -0.77
CA ARG A 18 4.25 -4.16 -1.41
C ARG A 18 2.87 -3.57 -1.22
N CYS A 19 2.07 -3.64 -2.26
CA CYS A 19 0.72 -3.13 -2.22
C CYS A 19 -0.26 -4.27 -2.06
N TRP A 20 -0.65 -4.55 -0.83
CA TRP A 20 -1.59 -5.62 -0.55
C TRP A 20 -3.00 -5.07 -0.51
N PRO A 21 -3.84 -5.44 -1.49
CA PRO A 21 -5.22 -4.98 -1.61
C PRO A 21 -6.08 -5.35 -0.39
N THR A 22 -7.06 -4.52 -0.12
CA THR A 22 -7.97 -4.74 0.99
C THR A 22 -9.35 -5.16 0.48
N VAL A 23 -10.38 -4.83 1.25
CA VAL A 23 -11.75 -5.18 0.87
C VAL A 23 -12.31 -4.20 -0.16
N THR A 24 -11.71 -3.03 -0.22
CA THR A 24 -12.15 -2.01 -1.16
C THR A 24 -11.30 -2.06 -2.44
N PRO A 25 -11.96 -2.24 -3.60
CA PRO A 25 -11.27 -2.29 -4.90
C PRO A 25 -10.47 -1.01 -5.18
N GLY A 26 -9.16 -1.15 -5.18
CA GLY A 26 -8.29 -0.01 -5.43
C GLY A 26 -7.59 0.44 -4.17
N VAL A 27 -8.08 -0.04 -3.04
CA VAL A 27 -7.51 0.29 -1.75
C VAL A 27 -6.63 -0.85 -1.26
N GLY A 28 -5.41 -0.51 -0.87
CA GLY A 28 -4.49 -1.50 -0.38
C GLY A 28 -3.55 -0.89 0.63
N ILE A 29 -2.78 -1.72 1.29
CA ILE A 29 -1.84 -1.27 2.30
C ILE A 29 -0.41 -1.61 1.93
N CYS A 30 0.48 -0.69 2.21
CA CYS A 30 1.90 -0.84 1.93
C CYS A 30 2.57 -1.68 3.00
N SER A 31 3.44 -2.56 2.56
CA SER A 31 4.18 -3.43 3.45
C SER A 31 5.64 -2.96 3.52
N SER A 32 6.43 -3.57 4.40
CA SER A 32 7.84 -3.22 4.57
C SER A 32 8.61 -3.24 3.25
N SER A 33 8.34 -4.27 2.45
CA SER A 33 9.01 -4.44 1.17
C SER A 33 8.07 -5.21 0.24
N GLY A 1 10.04 2.13 6.87
CA GLY A 1 9.91 2.47 5.43
C GLY A 1 8.52 2.98 5.09
N CYS A 2 7.81 2.24 4.24
CA CYS A 2 6.46 2.63 3.84
C CYS A 2 5.45 1.60 4.33
N GLU A 3 5.82 0.86 5.37
CA GLU A 3 4.96 -0.17 5.92
C GLU A 3 3.80 0.45 6.69
N GLY A 4 2.66 -0.23 6.65
CA GLY A 4 1.49 0.26 7.35
C GLY A 4 0.97 1.57 6.79
N LYS A 5 0.92 1.65 5.47
CA LYS A 5 0.43 2.84 4.79
C LYS A 5 -0.57 2.44 3.73
N GLN A 6 -1.29 3.41 3.21
CA GLN A 6 -2.28 3.16 2.18
C GLN A 6 -1.74 3.56 0.80
N CYS A 7 -1.84 2.65 -0.15
CA CYS A 7 -1.34 2.91 -1.49
C CYS A 7 -2.48 2.93 -2.51
N GLY A 8 -2.76 1.78 -3.12
CA GLY A 8 -3.80 1.70 -4.12
C GLY A 8 -3.42 2.45 -5.37
N LEU A 9 -4.38 2.73 -6.23
CA LEU A 9 -4.12 3.46 -7.46
C LEU A 9 -4.39 4.95 -7.27
N PHE A 10 -4.04 5.45 -6.09
CA PHE A 10 -4.25 6.86 -5.77
C PHE A 10 -3.13 7.40 -4.88
N ARG A 11 -2.45 6.52 -4.15
CA ARG A 11 -1.36 6.94 -3.27
C ARG A 11 -0.12 6.10 -3.51
N SER A 12 1.03 6.74 -3.59
CA SER A 12 2.29 6.05 -3.80
C SER A 12 3.15 6.14 -2.54
N CYS A 13 3.22 5.06 -1.78
CA CYS A 13 4.02 5.04 -0.55
C CYS A 13 5.46 4.72 -0.85
N GLY A 14 5.66 4.03 -1.94
CA GLY A 14 6.98 3.67 -2.38
C GLY A 14 7.02 2.32 -3.07
N GLY A 15 8.17 1.97 -3.64
CA GLY A 15 8.29 0.70 -4.32
C GLY A 15 8.95 -0.35 -3.46
N GLY A 16 9.45 0.07 -2.29
CA GLY A 16 10.10 -0.85 -1.37
C GLY A 16 9.09 -1.72 -0.66
N CYS A 17 7.88 -1.20 -0.51
CA CYS A 17 6.81 -1.91 0.16
C CYS A 17 5.78 -2.35 -0.89
N ARG A 18 5.22 -3.51 -0.68
CA ARG A 18 4.23 -4.07 -1.60
C ARG A 18 2.86 -3.50 -1.32
N CYS A 19 2.10 -3.27 -2.37
CA CYS A 19 0.76 -2.75 -2.23
C CYS A 19 -0.23 -3.91 -2.20
N TRP A 20 -0.56 -4.37 -1.00
CA TRP A 20 -1.48 -5.47 -0.82
C TRP A 20 -2.91 -4.96 -0.76
N PRO A 21 -3.76 -5.40 -1.71
CA PRO A 21 -5.16 -4.97 -1.79
C PRO A 21 -5.95 -5.28 -0.51
N THR A 22 -6.91 -4.43 -0.21
CA THR A 22 -7.73 -4.60 0.96
C THR A 22 -9.15 -5.03 0.57
N VAL A 23 -10.13 -4.70 1.41
CA VAL A 23 -11.50 -5.06 1.15
C VAL A 23 -12.14 -4.14 0.11
N THR A 24 -11.62 -2.93 0.01
CA THR A 24 -12.13 -1.96 -0.94
C THR A 24 -11.40 -2.08 -2.28
N PRO A 25 -12.14 -2.35 -3.36
CA PRO A 25 -11.58 -2.49 -4.71
C PRO A 25 -10.82 -1.24 -5.14
N GLY A 26 -9.49 -1.33 -5.15
CA GLY A 26 -8.66 -0.22 -5.54
C GLY A 26 -7.84 0.29 -4.37
N VAL A 27 -8.25 -0.09 -3.17
CA VAL A 27 -7.56 0.30 -1.95
C VAL A 27 -6.62 -0.79 -1.49
N GLY A 28 -5.41 -0.42 -1.11
CA GLY A 28 -4.45 -1.38 -0.65
C GLY A 28 -3.53 -0.79 0.40
N ILE A 29 -2.77 -1.64 1.05
CA ILE A 29 -1.85 -1.22 2.09
C ILE A 29 -0.44 -1.72 1.79
N CYS A 30 0.52 -0.86 2.07
CA CYS A 30 1.92 -1.18 1.85
C CYS A 30 2.44 -2.04 3.00
N SER A 31 3.08 -3.14 2.63
CA SER A 31 3.63 -4.06 3.60
C SER A 31 5.06 -3.68 3.96
N SER A 32 5.77 -4.55 4.67
CA SER A 32 7.14 -4.29 5.05
C SER A 32 8.04 -4.25 3.82
N SER A 33 7.73 -5.12 2.88
CA SER A 33 8.47 -5.23 1.64
C SER A 33 7.52 -5.72 0.55
N GLY A 1 8.34 -0.14 9.37
CA GLY A 1 9.03 0.09 8.07
C GLY A 1 8.20 0.91 7.12
N CYS A 2 7.53 0.24 6.18
CA CYS A 2 6.69 0.92 5.21
C CYS A 2 5.25 0.48 5.36
N GLU A 3 4.97 -0.16 6.49
CA GLU A 3 3.63 -0.65 6.79
C GLU A 3 2.75 0.49 7.30
N GLY A 4 1.46 0.22 7.40
CA GLY A 4 0.53 1.23 7.88
C GLY A 4 0.24 2.30 6.86
N LYS A 5 0.58 2.04 5.61
CA LYS A 5 0.34 3.00 4.55
C LYS A 5 -0.74 2.49 3.62
N GLN A 6 -1.25 3.39 2.79
CA GLN A 6 -2.30 3.05 1.86
C GLN A 6 -1.82 3.23 0.43
N CYS A 7 -2.19 2.31 -0.44
CA CYS A 7 -1.82 2.39 -1.84
C CYS A 7 -3.04 2.18 -2.72
N GLY A 8 -2.86 2.38 -4.01
CA GLY A 8 -3.95 2.24 -4.97
C GLY A 8 -4.10 3.50 -5.78
N LEU A 9 -5.23 4.19 -5.59
CA LEU A 9 -5.48 5.44 -6.31
C LEU A 9 -4.54 6.53 -5.77
N PHE A 10 -4.08 6.31 -4.56
CA PHE A 10 -3.15 7.21 -3.88
C PHE A 10 -2.24 6.38 -3.00
N ARG A 11 -0.97 6.75 -2.89
CA ARG A 11 -0.06 5.98 -2.08
C ARG A 11 0.74 6.85 -1.12
N SER A 12 0.88 6.36 0.10
CA SER A 12 1.63 7.05 1.13
C SER A 12 2.90 6.27 1.44
N CYS A 13 3.31 5.47 0.47
CA CYS A 13 4.49 4.62 0.59
C CYS A 13 5.33 4.68 -0.69
N GLY A 14 6.60 4.31 -0.58
CA GLY A 14 7.48 4.34 -1.72
C GLY A 14 7.33 3.11 -2.59
N GLY A 15 8.23 2.94 -3.54
CA GLY A 15 8.18 1.79 -4.44
C GLY A 15 8.76 0.54 -3.81
N GLY A 16 9.48 0.72 -2.71
CA GLY A 16 10.10 -0.40 -2.02
C GLY A 16 9.17 -1.01 -1.00
N CYS A 17 7.88 -0.90 -1.24
CA CYS A 17 6.87 -1.45 -0.35
C CYS A 17 5.82 -2.18 -1.17
N ARG A 18 5.35 -3.30 -0.66
CA ARG A 18 4.36 -4.11 -1.36
C ARG A 18 2.97 -3.54 -1.16
N CYS A 19 2.17 -3.57 -2.22
CA CYS A 19 0.82 -3.07 -2.15
C CYS A 19 -0.15 -4.24 -2.06
N TRP A 20 -0.57 -4.55 -0.85
CA TRP A 20 -1.50 -5.65 -0.63
C TRP A 20 -2.93 -5.11 -0.58
N PRO A 21 -3.75 -5.49 -1.56
CA PRO A 21 -5.15 -5.03 -1.66
C PRO A 21 -5.98 -5.33 -0.42
N THR A 22 -6.97 -4.49 -0.17
CA THR A 22 -7.84 -4.65 0.98
C THR A 22 -9.24 -5.07 0.53
N VAL A 23 -10.24 -4.73 1.33
CA VAL A 23 -11.63 -5.08 1.03
C VAL A 23 -12.22 -4.12 0.00
N THR A 24 -11.65 -2.95 -0.09
CA THR A 24 -12.13 -1.94 -1.02
C THR A 24 -11.37 -2.01 -2.35
N PRO A 25 -12.10 -2.22 -3.46
CA PRO A 25 -11.50 -2.31 -4.80
C PRO A 25 -10.74 -1.04 -5.17
N GLY A 26 -9.42 -1.14 -5.22
CA GLY A 26 -8.60 0.00 -5.54
C GLY A 26 -7.84 0.51 -4.33
N VAL A 27 -8.15 -0.08 -3.19
CA VAL A 27 -7.51 0.28 -1.93
C VAL A 27 -6.63 -0.85 -1.43
N GLY A 28 -5.41 -0.52 -1.07
CA GLY A 28 -4.49 -1.51 -0.57
C GLY A 28 -3.60 -0.92 0.50
N ILE A 29 -2.82 -1.76 1.13
CA ILE A 29 -1.91 -1.33 2.18
C ILE A 29 -0.49 -1.76 1.88
N CYS A 30 0.43 -0.85 2.11
CA CYS A 30 1.84 -1.12 1.87
C CYS A 30 2.45 -1.88 3.02
N SER A 31 3.40 -2.73 2.67
CA SER A 31 4.09 -3.56 3.63
C SER A 31 5.54 -3.11 3.78
N SER A 32 6.33 -3.83 4.58
CA SER A 32 7.73 -3.49 4.83
C SER A 32 8.52 -3.34 3.53
N SER A 33 8.30 -4.24 2.61
CA SER A 33 8.97 -4.23 1.32
C SER A 33 8.07 -4.85 0.29
N GLY A 1 8.34 0.58 8.49
CA GLY A 1 8.79 1.01 7.14
C GLY A 1 7.68 1.61 6.32
N CYS A 2 7.29 0.93 5.24
CA CYS A 2 6.24 1.42 4.35
C CYS A 2 4.86 1.05 4.90
N GLU A 3 4.84 0.12 5.84
CA GLU A 3 3.59 -0.33 6.47
C GLU A 3 2.83 0.83 7.09
N GLY A 4 1.53 0.66 7.24
CA GLY A 4 0.70 1.68 7.85
C GLY A 4 0.23 2.73 6.87
N LYS A 5 0.52 2.55 5.58
CA LYS A 5 0.12 3.52 4.58
C LYS A 5 -0.72 2.85 3.49
N GLN A 6 -1.34 3.67 2.67
CA GLN A 6 -2.20 3.17 1.60
C GLN A 6 -1.49 3.18 0.26
N CYS A 7 -1.86 2.24 -0.59
CA CYS A 7 -1.29 2.12 -1.91
C CYS A 7 -2.43 2.00 -2.93
N GLY A 8 -2.09 1.63 -4.17
CA GLY A 8 -3.10 1.51 -5.20
C GLY A 8 -3.65 2.84 -5.60
N LEU A 9 -4.87 3.15 -5.17
CA LEU A 9 -5.50 4.42 -5.48
C LEU A 9 -4.76 5.55 -4.77
N PHE A 10 -4.83 5.56 -3.44
CA PHE A 10 -4.16 6.57 -2.64
C PHE A 10 -2.75 6.09 -2.31
N ARG A 11 -1.97 5.87 -3.33
CA ARG A 11 -0.59 5.39 -3.19
C ARG A 11 0.30 6.44 -2.55
N SER A 12 0.50 6.32 -1.24
CA SER A 12 1.34 7.26 -0.51
C SER A 12 2.64 6.57 -0.10
N CYS A 13 3.13 5.69 -0.95
CA CYS A 13 4.35 4.95 -0.69
C CYS A 13 5.21 4.89 -1.94
N GLY A 14 6.52 4.96 -1.74
CA GLY A 14 7.44 4.89 -2.85
C GLY A 14 8.68 4.10 -2.48
N GLY A 15 9.11 3.23 -3.37
CA GLY A 15 10.27 2.42 -3.11
C GLY A 15 10.02 0.96 -3.41
N GLY A 16 10.43 0.09 -2.50
CA GLY A 16 10.23 -1.34 -2.69
C GLY A 16 9.20 -1.89 -1.72
N CYS A 17 8.14 -1.12 -1.50
CA CYS A 17 7.08 -1.51 -0.59
C CYS A 17 6.00 -2.28 -1.35
N ARG A 18 5.40 -3.25 -0.66
CA ARG A 18 4.37 -4.07 -1.28
C ARG A 18 3.03 -3.37 -1.24
N CYS A 19 2.14 -3.78 -2.11
CA CYS A 19 0.80 -3.22 -2.18
C CYS A 19 -0.21 -4.35 -2.04
N TRP A 20 -0.67 -4.56 -0.83
CA TRP A 20 -1.64 -5.62 -0.56
C TRP A 20 -3.05 -5.05 -0.56
N PRO A 21 -3.87 -5.45 -1.54
CA PRO A 21 -5.26 -4.98 -1.67
C PRO A 21 -6.11 -5.34 -0.47
N THR A 22 -7.07 -4.48 -0.16
CA THR A 22 -7.96 -4.69 0.96
C THR A 22 -9.33 -5.13 0.48
N VAL A 23 -10.37 -4.85 1.28
CA VAL A 23 -11.73 -5.23 0.92
C VAL A 23 -12.34 -4.26 -0.09
N THR A 24 -11.74 -3.08 -0.21
CA THR A 24 -12.23 -2.08 -1.13
C THR A 24 -11.39 -2.07 -2.41
N PRO A 25 -12.03 -2.28 -3.58
CA PRO A 25 -11.35 -2.28 -4.88
C PRO A 25 -10.58 -0.99 -5.14
N GLY A 26 -9.26 -1.10 -5.17
CA GLY A 26 -8.42 0.07 -5.40
C GLY A 26 -7.70 0.48 -4.15
N VAL A 27 -8.17 0.00 -3.02
CA VAL A 27 -7.57 0.31 -1.73
C VAL A 27 -6.65 -0.82 -1.30
N GLY A 28 -5.44 -0.48 -0.94
CA GLY A 28 -4.48 -1.46 -0.49
C GLY A 28 -3.54 -0.88 0.53
N ILE A 29 -2.84 -1.73 1.24
CA ILE A 29 -1.90 -1.29 2.26
C ILE A 29 -0.46 -1.62 1.88
N CYS A 30 0.41 -0.67 2.17
CA CYS A 30 1.83 -0.82 1.88
C CYS A 30 2.53 -1.66 2.93
N SER A 31 3.43 -2.49 2.47
CA SER A 31 4.22 -3.35 3.33
C SER A 31 5.69 -2.99 3.16
N SER A 32 6.56 -3.56 3.97
CA SER A 32 7.99 -3.27 3.90
C SER A 32 8.56 -3.56 2.50
N SER A 33 8.21 -4.72 1.98
CA SER A 33 8.67 -5.16 0.67
C SER A 33 7.62 -6.10 0.07
N GLY A 1 9.68 -1.03 7.72
CA GLY A 1 9.39 0.39 8.08
C GLY A 1 8.61 1.10 7.00
N CYS A 2 7.80 0.36 6.25
CA CYS A 2 7.00 0.95 5.18
C CYS A 2 5.54 0.52 5.28
N GLU A 3 5.24 -0.32 6.26
CA GLU A 3 3.88 -0.81 6.45
C GLU A 3 3.04 0.23 7.18
N GLY A 4 1.75 -0.05 7.28
CA GLY A 4 0.85 0.88 7.95
C GLY A 4 0.57 2.09 7.08
N LYS A 5 0.64 1.90 5.78
CA LYS A 5 0.38 2.98 4.82
C LYS A 5 -0.64 2.49 3.81
N GLN A 6 -1.19 3.39 3.05
CA GLN A 6 -2.19 3.04 2.05
C GLN A 6 -1.59 3.12 0.66
N CYS A 7 -1.92 2.15 -0.18
CA CYS A 7 -1.40 2.13 -1.54
C CYS A 7 -2.55 2.25 -2.55
N GLY A 8 -2.25 1.97 -3.80
CA GLY A 8 -3.27 2.06 -4.84
C GLY A 8 -3.21 3.41 -5.53
N LEU A 9 -4.25 4.22 -5.31
CA LEU A 9 -4.31 5.54 -5.91
C LEU A 9 -3.26 6.46 -5.28
N PHE A 10 -3.39 6.69 -3.98
CA PHE A 10 -2.44 7.52 -3.26
C PHE A 10 -1.55 6.66 -2.39
N ARG A 11 -0.63 5.95 -3.03
CA ARG A 11 0.29 5.07 -2.33
C ARG A 11 1.31 5.88 -1.52
N SER A 12 1.32 5.67 -0.22
CA SER A 12 2.24 6.36 0.66
C SER A 12 3.60 5.68 0.63
N CYS A 13 3.65 4.51 0.03
CA CYS A 13 4.89 3.75 -0.07
C CYS A 13 5.68 4.20 -1.29
N GLY A 14 6.92 4.62 -1.05
CA GLY A 14 7.76 5.09 -2.13
C GLY A 14 8.98 4.22 -2.35
N GLY A 15 9.08 3.21 -1.53
CA GLY A 15 10.19 2.29 -1.62
C GLY A 15 9.76 0.95 -2.19
N GLY A 16 10.52 -0.10 -1.90
CA GLY A 16 10.21 -1.43 -2.40
C GLY A 16 9.12 -2.10 -1.58
N CYS A 17 8.10 -1.33 -1.24
CA CYS A 17 6.98 -1.80 -0.43
C CYS A 17 5.90 -2.36 -1.34
N ARG A 18 5.18 -3.36 -0.84
CA ARG A 18 4.12 -3.99 -1.59
C ARG A 18 2.82 -3.22 -1.48
N CYS A 19 1.88 -3.58 -2.32
CA CYS A 19 0.56 -2.98 -2.32
C CYS A 19 -0.44 -4.09 -2.11
N TRP A 20 -0.63 -4.48 -0.86
CA TRP A 20 -1.54 -5.55 -0.52
C TRP A 20 -2.97 -5.03 -0.51
N PRO A 21 -3.80 -5.50 -1.46
CA PRO A 21 -5.19 -5.07 -1.59
C PRO A 21 -6.05 -5.39 -0.37
N THR A 22 -7.03 -4.55 -0.12
CA THR A 22 -7.93 -4.72 1.01
C THR A 22 -9.30 -5.16 0.54
N VAL A 23 -10.33 -4.81 1.29
CA VAL A 23 -11.69 -5.18 0.94
C VAL A 23 -12.28 -4.24 -0.11
N THR A 24 -11.68 -3.06 -0.22
CA THR A 24 -12.13 -2.07 -1.17
C THR A 24 -11.29 -2.10 -2.45
N PRO A 25 -11.93 -2.31 -3.61
CA PRO A 25 -11.24 -2.36 -4.90
C PRO A 25 -10.49 -1.06 -5.19
N GLY A 26 -9.17 -1.14 -5.21
CA GLY A 26 -8.36 0.03 -5.47
C GLY A 26 -7.67 0.51 -4.21
N VAL A 27 -8.09 -0.06 -3.08
CA VAL A 27 -7.54 0.30 -1.79
C VAL A 27 -6.65 -0.83 -1.29
N GLY A 28 -5.46 -0.49 -0.84
CA GLY A 28 -4.54 -1.48 -0.35
C GLY A 28 -3.64 -0.90 0.71
N ILE A 29 -2.77 -1.72 1.26
CA ILE A 29 -1.85 -1.29 2.30
C ILE A 29 -0.41 -1.58 1.90
N CYS A 30 0.46 -0.64 2.24
CA CYS A 30 1.87 -0.77 1.95
C CYS A 30 2.55 -1.65 2.99
N SER A 31 3.50 -2.44 2.55
CA SER A 31 4.24 -3.33 3.42
C SER A 31 5.69 -3.41 2.94
N SER A 32 6.61 -3.65 3.85
CA SER A 32 8.05 -3.72 3.52
C SER A 32 8.39 -4.87 2.58
N SER A 33 7.42 -5.71 2.36
CA SER A 33 7.58 -6.89 1.52
C SER A 33 6.25 -7.25 0.89
N GLY A 1 9.48 -2.90 8.55
CA GLY A 1 9.92 -2.34 7.25
C GLY A 1 9.32 -0.97 7.02
N CYS A 2 8.55 -0.84 5.95
CA CYS A 2 7.90 0.43 5.63
C CYS A 2 6.38 0.25 5.64
N GLU A 3 5.90 -0.54 6.60
CA GLU A 3 4.49 -0.82 6.75
C GLU A 3 3.72 0.44 7.13
N GLY A 4 2.39 0.35 7.06
CA GLY A 4 1.56 1.47 7.42
C GLY A 4 1.49 2.52 6.33
N LYS A 5 1.38 2.08 5.09
CA LYS A 5 1.28 2.99 3.96
C LYS A 5 0.13 2.54 3.08
N GLN A 6 -0.28 3.38 2.15
CA GLN A 6 -1.40 3.06 1.27
C GLN A 6 -1.15 3.57 -0.14
N CYS A 7 -1.65 2.84 -1.12
CA CYS A 7 -1.50 3.23 -2.51
C CYS A 7 -2.83 3.72 -3.06
N GLY A 8 -3.84 2.88 -2.89
CA GLY A 8 -5.18 3.21 -3.34
C GLY A 8 -5.69 4.50 -2.74
N LEU A 9 -6.23 5.37 -3.59
CA LEU A 9 -6.76 6.66 -3.19
C LEU A 9 -5.62 7.60 -2.81
N PHE A 10 -5.17 7.53 -1.56
CA PHE A 10 -4.08 8.36 -1.10
C PHE A 10 -2.78 7.59 -1.26
N ARG A 11 -2.15 7.74 -2.42
CA ARG A 11 -0.90 7.04 -2.73
C ARG A 11 0.29 7.57 -1.92
N SER A 12 0.24 7.35 -0.62
CA SER A 12 1.28 7.77 0.29
C SER A 12 2.16 6.57 0.64
N CYS A 13 3.00 6.18 -0.30
CA CYS A 13 3.87 5.03 -0.11
C CYS A 13 5.19 5.23 -0.84
N GLY A 14 6.14 4.36 -0.56
CA GLY A 14 7.44 4.45 -1.19
C GLY A 14 7.70 3.30 -2.12
N GLY A 15 8.61 3.48 -3.07
CA GLY A 15 8.93 2.43 -4.02
C GLY A 15 9.76 1.33 -3.40
N GLY A 16 9.10 0.37 -2.77
CA GLY A 16 9.79 -0.73 -2.15
C GLY A 16 8.86 -1.63 -1.37
N CYS A 17 7.79 -1.04 -0.85
CA CYS A 17 6.81 -1.80 -0.07
C CYS A 17 5.74 -2.37 -0.98
N ARG A 18 5.31 -3.58 -0.68
CA ARG A 18 4.30 -4.26 -1.45
C ARG A 18 2.92 -3.81 -1.04
N CYS A 19 2.22 -3.12 -1.91
CA CYS A 19 0.89 -2.66 -1.61
C CYS A 19 -0.10 -3.77 -1.90
N TRP A 20 -0.61 -4.38 -0.85
CA TRP A 20 -1.56 -5.46 -0.98
C TRP A 20 -2.98 -4.93 -0.86
N PRO A 21 -3.83 -5.24 -1.84
CA PRO A 21 -5.23 -4.79 -1.87
C PRO A 21 -6.01 -5.24 -0.64
N THR A 22 -6.97 -4.43 -0.24
CA THR A 22 -7.79 -4.71 0.92
C THR A 22 -9.21 -5.09 0.51
N VAL A 23 -10.17 -4.82 1.38
CA VAL A 23 -11.57 -5.13 1.12
C VAL A 23 -12.19 -4.18 0.10
N THR A 24 -11.67 -2.96 0.03
CA THR A 24 -12.18 -1.98 -0.90
C THR A 24 -11.44 -2.07 -2.23
N PRO A 25 -12.19 -2.33 -3.33
CA PRO A 25 -11.62 -2.45 -4.68
C PRO A 25 -10.84 -1.20 -5.08
N GLY A 26 -9.53 -1.32 -5.16
CA GLY A 26 -8.69 -0.21 -5.54
C GLY A 26 -7.86 0.29 -4.37
N VAL A 27 -8.24 -0.14 -3.17
CA VAL A 27 -7.55 0.25 -1.95
C VAL A 27 -6.57 -0.84 -1.55
N GLY A 28 -5.36 -0.43 -1.16
CA GLY A 28 -4.36 -1.37 -0.74
C GLY A 28 -3.36 -0.74 0.18
N ILE A 29 -2.76 -1.57 1.02
CA ILE A 29 -1.79 -1.10 2.01
C ILE A 29 -0.42 -1.71 1.76
N CYS A 30 0.60 -0.90 1.98
CA CYS A 30 1.98 -1.31 1.79
C CYS A 30 2.47 -2.14 2.97
N SER A 31 3.21 -3.17 2.65
CA SER A 31 3.74 -4.09 3.64
C SER A 31 5.19 -3.76 3.97
N SER A 32 5.85 -4.65 4.70
CA SER A 32 7.25 -4.47 5.10
C SER A 32 8.16 -4.18 3.91
N SER A 33 7.97 -4.94 2.84
CA SER A 33 8.74 -4.82 1.63
C SER A 33 7.88 -5.32 0.48
N GLY A 1 7.06 -2.06 10.07
CA GLY A 1 8.08 -1.63 9.08
C GLY A 1 7.57 -0.53 8.17
N CYS A 2 7.14 -0.89 6.98
CA CYS A 2 6.62 0.07 6.02
C CYS A 2 5.10 0.04 6.02
N GLU A 3 4.54 -0.96 6.68
CA GLU A 3 3.11 -1.14 6.79
C GLU A 3 2.47 0.08 7.47
N GLY A 4 1.23 0.35 7.16
CA GLY A 4 0.54 1.47 7.77
C GLY A 4 0.03 2.47 6.76
N LYS A 5 0.59 2.47 5.56
CA LYS A 5 0.17 3.42 4.54
C LYS A 5 -0.47 2.68 3.37
N GLN A 6 -1.01 3.45 2.45
CA GLN A 6 -1.69 2.89 1.28
C GLN A 6 -0.99 3.24 -0.01
N CYS A 7 -1.45 2.62 -1.09
CA CYS A 7 -0.87 2.86 -2.41
C CYS A 7 -1.95 3.36 -3.37
N GLY A 8 -1.63 3.37 -4.66
CA GLY A 8 -2.56 3.81 -5.68
C GLY A 8 -2.73 5.32 -5.69
N LEU A 9 -3.96 5.78 -5.51
CA LEU A 9 -4.24 7.21 -5.50
C LEU A 9 -3.67 7.85 -4.24
N PHE A 10 -3.89 7.17 -3.12
CA PHE A 10 -3.41 7.64 -1.83
C PHE A 10 -2.09 6.96 -1.49
N ARG A 11 -1.19 6.96 -2.46
CA ARG A 11 0.11 6.33 -2.29
C ARG A 11 0.98 7.11 -1.31
N SER A 12 1.20 6.53 -0.15
CA SER A 12 2.02 7.15 0.88
C SER A 12 3.29 6.34 1.09
N CYS A 13 3.69 5.62 0.06
CA CYS A 13 4.87 4.77 0.11
C CYS A 13 5.68 4.90 -1.17
N GLY A 14 6.96 4.56 -1.09
CA GLY A 14 7.82 4.61 -2.25
C GLY A 14 8.10 3.24 -2.80
N GLY A 15 9.00 3.16 -3.76
CA GLY A 15 9.33 1.88 -4.37
C GLY A 15 10.14 0.99 -3.42
N GLY A 16 9.47 0.00 -2.86
CA GLY A 16 10.12 -0.91 -1.94
C GLY A 16 9.11 -1.76 -1.21
N CYS A 17 8.06 -1.10 -0.73
CA CYS A 17 6.99 -1.77 -0.01
C CYS A 17 5.92 -2.24 -0.99
N ARG A 18 5.36 -3.40 -0.74
CA ARG A 18 4.35 -3.97 -1.60
C ARG A 18 2.98 -3.40 -1.28
N CYS A 19 2.08 -3.43 -2.24
CA CYS A 19 0.74 -2.94 -2.01
C CYS A 19 -0.22 -4.11 -2.03
N TRP A 20 -0.68 -4.50 -0.85
CA TRP A 20 -1.61 -5.60 -0.71
C TRP A 20 -3.03 -5.06 -0.67
N PRO A 21 -3.86 -5.47 -1.63
CA PRO A 21 -5.24 -5.00 -1.73
C PRO A 21 -6.06 -5.32 -0.48
N THR A 22 -6.94 -4.40 -0.15
CA THR A 22 -7.81 -4.55 1.00
C THR A 22 -9.19 -5.05 0.59
N VAL A 23 -10.19 -4.74 1.40
CA VAL A 23 -11.56 -5.16 1.12
C VAL A 23 -12.21 -4.24 0.09
N THR A 24 -11.68 -3.05 -0.04
CA THR A 24 -12.21 -2.08 -0.98
C THR A 24 -11.43 -2.10 -2.29
N PRO A 25 -12.12 -2.38 -3.41
CA PRO A 25 -11.50 -2.42 -4.74
C PRO A 25 -10.80 -1.12 -5.10
N GLY A 26 -9.48 -1.17 -5.16
CA GLY A 26 -8.70 0.02 -5.48
C GLY A 26 -7.89 0.49 -4.30
N VAL A 27 -8.22 -0.06 -3.13
CA VAL A 27 -7.52 0.29 -1.90
C VAL A 27 -6.57 -0.81 -1.51
N GLY A 28 -5.32 -0.45 -1.28
CA GLY A 28 -4.31 -1.41 -0.89
C GLY A 28 -3.34 -0.80 0.08
N ILE A 29 -2.81 -1.63 0.96
CA ILE A 29 -1.88 -1.17 1.99
C ILE A 29 -0.47 -1.66 1.74
N CYS A 30 0.49 -0.85 2.13
CA CYS A 30 1.90 -1.15 1.99
C CYS A 30 2.36 -2.13 3.07
N SER A 31 3.20 -3.05 2.66
CA SER A 31 3.75 -4.04 3.58
C SER A 31 5.20 -3.68 3.88
N SER A 32 5.90 -4.53 4.63
CA SER A 32 7.30 -4.29 4.96
C SER A 32 8.16 -4.14 3.70
N SER A 33 7.86 -4.99 2.73
CA SER A 33 8.56 -5.00 1.46
C SER A 33 7.58 -5.50 0.40
N GLY A 1 9.74 -0.55 6.50
CA GLY A 1 9.57 -0.22 5.05
C GLY A 1 8.42 0.74 4.83
N CYS A 2 7.30 0.22 4.37
CA CYS A 2 6.13 1.05 4.10
C CYS A 2 4.92 0.55 4.87
N GLU A 3 5.17 -0.13 5.98
CA GLU A 3 4.10 -0.66 6.80
C GLU A 3 3.28 0.46 7.40
N GLY A 4 2.00 0.20 7.58
CA GLY A 4 1.11 1.20 8.14
C GLY A 4 0.70 2.27 7.14
N LYS A 5 1.20 2.17 5.91
CA LYS A 5 0.86 3.15 4.89
C LYS A 5 -0.17 2.59 3.93
N GLN A 6 -0.75 3.47 3.13
CA GLN A 6 -1.78 3.08 2.20
C GLN A 6 -1.27 3.12 0.76
N CYS A 7 -1.73 2.18 -0.05
CA CYS A 7 -1.33 2.10 -1.44
C CYS A 7 -2.56 2.18 -2.35
N GLY A 8 -2.43 1.72 -3.59
CA GLY A 8 -3.54 1.79 -4.52
C GLY A 8 -3.53 3.10 -5.27
N LEU A 9 -4.68 3.76 -5.33
CA LEU A 9 -4.77 5.04 -6.02
C LEU A 9 -4.04 6.12 -5.23
N PHE A 10 -4.09 5.99 -3.91
CA PHE A 10 -3.41 6.93 -3.02
C PHE A 10 -2.17 6.27 -2.42
N ARG A 11 -1.38 5.67 -3.30
CA ARG A 11 -0.16 4.97 -2.89
C ARG A 11 0.91 5.92 -2.39
N SER A 12 0.93 6.14 -1.09
CA SER A 12 1.91 7.03 -0.47
C SER A 12 3.14 6.23 -0.03
N CYS A 13 3.66 5.42 -0.95
CA CYS A 13 4.80 4.57 -0.67
C CYS A 13 5.77 4.56 -1.84
N GLY A 14 6.95 3.99 -1.63
CA GLY A 14 7.95 3.92 -2.66
C GLY A 14 7.83 2.65 -3.50
N GLY A 15 8.93 2.26 -4.13
CA GLY A 15 8.91 1.06 -4.95
C GLY A 15 9.37 -0.17 -4.21
N GLY A 16 9.95 0.05 -3.03
CA GLY A 16 10.42 -1.05 -2.22
C GLY A 16 9.40 -1.46 -1.18
N CYS A 17 8.13 -1.38 -1.56
CA CYS A 17 7.02 -1.71 -0.69
C CYS A 17 5.90 -2.31 -1.52
N ARG A 18 5.24 -3.32 -0.97
CA ARG A 18 4.16 -4.00 -1.66
C ARG A 18 2.85 -3.24 -1.50
N CYS A 19 1.91 -3.57 -2.36
CA CYS A 19 0.58 -2.99 -2.32
C CYS A 19 -0.41 -4.11 -2.07
N TRP A 20 -0.65 -4.39 -0.80
CA TRP A 20 -1.55 -5.45 -0.42
C TRP A 20 -2.99 -4.94 -0.40
N PRO A 21 -3.81 -5.41 -1.36
CA PRO A 21 -5.21 -4.99 -1.50
C PRO A 21 -6.07 -5.32 -0.28
N THR A 22 -7.08 -4.48 -0.06
CA THR A 22 -7.99 -4.67 1.06
C THR A 22 -9.34 -5.15 0.55
N VAL A 23 -10.40 -4.81 1.28
CA VAL A 23 -11.74 -5.22 0.91
C VAL A 23 -12.31 -4.30 -0.18
N THR A 24 -11.72 -3.13 -0.34
CA THR A 24 -12.18 -2.19 -1.34
C THR A 24 -11.26 -2.18 -2.56
N PRO A 25 -11.82 -2.45 -3.75
CA PRO A 25 -11.06 -2.47 -5.00
C PRO A 25 -10.37 -1.14 -5.27
N GLY A 26 -9.04 -1.15 -5.19
CA GLY A 26 -8.28 0.06 -5.41
C GLY A 26 -7.62 0.53 -4.14
N VAL A 27 -8.12 0.01 -3.02
CA VAL A 27 -7.59 0.36 -1.71
C VAL A 27 -6.69 -0.76 -1.22
N GLY A 28 -5.51 -0.40 -0.73
CA GLY A 28 -4.59 -1.37 -0.23
C GLY A 28 -3.65 -0.79 0.79
N ILE A 29 -2.84 -1.63 1.38
CA ILE A 29 -1.89 -1.20 2.39
C ILE A 29 -0.48 -1.66 2.01
N CYS A 30 0.47 -0.79 2.27
CA CYS A 30 1.86 -1.06 1.97
C CYS A 30 2.48 -1.91 3.07
N SER A 31 3.38 -2.78 2.67
CA SER A 31 4.07 -3.66 3.60
C SER A 31 5.53 -3.26 3.75
N SER A 32 6.31 -4.05 4.47
CA SER A 32 7.73 -3.78 4.69
C SER A 32 8.48 -3.62 3.37
N SER A 33 8.17 -4.49 2.43
CA SER A 33 8.78 -4.49 1.12
C SER A 33 7.78 -5.04 0.12
N GLY A 1 9.11 0.22 7.93
CA GLY A 1 9.66 1.18 6.94
C GLY A 1 8.59 1.79 6.06
N CYS A 2 8.26 1.12 4.96
CA CYS A 2 7.26 1.63 4.03
C CYS A 2 5.86 1.19 4.44
N GLU A 3 5.77 0.15 5.26
CA GLU A 3 4.49 -0.35 5.71
C GLU A 3 3.78 0.68 6.59
N GLY A 4 2.49 0.47 6.80
CA GLY A 4 1.71 1.38 7.61
C GLY A 4 1.15 2.54 6.81
N LYS A 5 1.18 2.40 5.49
CA LYS A 5 0.68 3.45 4.60
C LYS A 5 -0.25 2.83 3.56
N GLN A 6 -0.98 3.67 2.86
CA GLN A 6 -1.92 3.22 1.85
C GLN A 6 -1.31 3.25 0.45
N CYS A 7 -1.75 2.33 -0.38
CA CYS A 7 -1.28 2.25 -1.76
C CYS A 7 -2.48 2.17 -2.72
N GLY A 8 -2.26 1.66 -3.91
CA GLY A 8 -3.33 1.56 -4.89
C GLY A 8 -3.73 2.93 -5.41
N LEU A 9 -4.89 3.40 -4.97
CA LEU A 9 -5.37 4.71 -5.38
C LEU A 9 -4.60 5.80 -4.64
N PHE A 10 -4.82 5.87 -3.33
CA PHE A 10 -4.15 6.86 -2.49
C PHE A 10 -2.76 6.34 -2.11
N ARG A 11 -1.91 6.18 -3.10
CA ARG A 11 -0.56 5.69 -2.91
C ARG A 11 0.31 6.68 -2.17
N SER A 12 0.61 6.37 -0.92
CA SER A 12 1.46 7.22 -0.10
C SER A 12 2.83 6.55 0.09
N CYS A 13 3.15 5.69 -0.87
CA CYS A 13 4.41 4.95 -0.84
C CYS A 13 5.08 4.99 -2.21
N GLY A 14 6.33 4.56 -2.26
CA GLY A 14 7.06 4.56 -3.51
C GLY A 14 7.08 3.19 -4.16
N GLY A 15 7.85 3.06 -5.24
CA GLY A 15 7.94 1.80 -5.94
C GLY A 15 8.94 0.85 -5.31
N GLY A 16 8.69 0.49 -4.07
CA GLY A 16 9.56 -0.42 -3.34
C GLY A 16 8.88 -0.93 -2.10
N CYS A 17 7.57 -1.04 -2.16
CA CYS A 17 6.77 -1.50 -1.04
C CYS A 17 5.66 -2.42 -1.56
N ARG A 18 5.26 -3.38 -0.76
CA ARG A 18 4.23 -4.33 -1.17
C ARG A 18 2.85 -3.72 -1.02
N CYS A 19 2.12 -3.66 -2.12
CA CYS A 19 0.77 -3.14 -2.10
C CYS A 19 -0.21 -4.27 -1.87
N TRP A 20 -0.63 -4.43 -0.62
CA TRP A 20 -1.57 -5.47 -0.26
C TRP A 20 -3.00 -4.95 -0.35
N PRO A 21 -3.77 -5.43 -1.34
CA PRO A 21 -5.15 -5.00 -1.55
C PRO A 21 -6.06 -5.37 -0.39
N THR A 22 -7.06 -4.54 -0.16
CA THR A 22 -8.01 -4.76 0.92
C THR A 22 -9.34 -5.22 0.37
N VAL A 23 -10.42 -4.95 1.11
CA VAL A 23 -11.75 -5.36 0.68
C VAL A 23 -12.32 -4.38 -0.34
N THR A 24 -11.77 -3.18 -0.37
CA THR A 24 -12.24 -2.17 -1.30
C THR A 24 -11.34 -2.11 -2.54
N PRO A 25 -11.91 -2.30 -3.73
CA PRO A 25 -11.16 -2.27 -5.00
C PRO A 25 -10.42 -0.95 -5.19
N GLY A 26 -9.10 -1.00 -5.14
CA GLY A 26 -8.29 0.18 -5.31
C GLY A 26 -7.62 0.58 -4.01
N VAL A 27 -8.12 0.04 -2.91
CA VAL A 27 -7.59 0.32 -1.60
C VAL A 27 -6.65 -0.79 -1.17
N GLY A 28 -5.46 -0.41 -0.73
CA GLY A 28 -4.49 -1.38 -0.30
C GLY A 28 -3.50 -0.76 0.66
N ILE A 29 -2.78 -1.60 1.38
CA ILE A 29 -1.80 -1.13 2.34
C ILE A 29 -0.40 -1.56 1.95
N CYS A 30 0.54 -0.65 2.15
CA CYS A 30 1.94 -0.89 1.83
C CYS A 30 2.63 -1.68 2.92
N SER A 31 3.58 -2.49 2.51
CA SER A 31 4.38 -3.28 3.42
C SER A 31 5.83 -2.87 3.24
N SER A 32 6.76 -3.65 3.77
CA SER A 32 8.19 -3.34 3.65
C SER A 32 8.60 -3.16 2.19
N SER A 33 8.50 -4.22 1.41
CA SER A 33 8.85 -4.20 0.00
C SER A 33 8.00 -5.24 -0.73
N GLY A 1 9.32 -1.83 9.02
CA GLY A 1 9.67 -1.56 7.60
C GLY A 1 8.80 -0.47 7.00
N CYS A 2 8.10 -0.81 5.94
CA CYS A 2 7.21 0.14 5.27
C CYS A 2 5.75 -0.19 5.54
N GLU A 3 5.49 -0.77 6.70
CA GLU A 3 4.13 -1.13 7.09
C GLU A 3 3.38 0.12 7.54
N GLY A 4 2.05 0.04 7.54
CA GLY A 4 1.25 1.17 7.95
C GLY A 4 1.23 2.28 6.92
N LYS A 5 1.22 1.90 5.65
CA LYS A 5 1.16 2.85 4.56
C LYS A 5 0.09 2.40 3.59
N GLN A 6 -0.28 3.26 2.66
CA GLN A 6 -1.30 2.91 1.69
C GLN A 6 -0.87 3.26 0.28
N CYS A 7 -1.44 2.54 -0.67
CA CYS A 7 -1.14 2.75 -2.08
C CYS A 7 -2.40 3.17 -2.80
N GLY A 8 -3.42 2.33 -2.67
CA GLY A 8 -4.70 2.62 -3.28
C GLY A 8 -5.29 3.92 -2.77
N LEU A 9 -5.65 4.80 -3.71
CA LEU A 9 -6.21 6.12 -3.39
C LEU A 9 -5.13 7.03 -2.79
N PHE A 10 -4.88 6.87 -1.50
CA PHE A 10 -3.87 7.66 -0.82
C PHE A 10 -2.52 6.97 -1.00
N ARG A 11 -1.91 7.19 -2.16
CA ARG A 11 -0.63 6.55 -2.47
C ARG A 11 0.54 7.18 -1.71
N SER A 12 0.47 7.11 -0.40
CA SER A 12 1.53 7.64 0.45
C SER A 12 2.48 6.49 0.79
N CYS A 13 3.12 5.97 -0.25
CA CYS A 13 4.02 4.85 -0.12
C CYS A 13 5.35 5.14 -0.81
N GLY A 14 6.30 4.23 -0.63
CA GLY A 14 7.60 4.39 -1.24
C GLY A 14 7.88 3.30 -2.25
N GLY A 15 8.96 3.45 -3.01
CA GLY A 15 9.32 2.47 -4.02
C GLY A 15 10.05 1.27 -3.43
N GLY A 16 9.51 0.74 -2.34
CA GLY A 16 10.11 -0.41 -1.69
C GLY A 16 9.16 -1.03 -0.70
N CYS A 17 7.88 -0.99 -1.04
CA CYS A 17 6.83 -1.55 -0.19
C CYS A 17 5.83 -2.29 -1.04
N ARG A 18 5.34 -3.42 -0.54
CA ARG A 18 4.37 -4.22 -1.25
C ARG A 18 2.97 -3.69 -1.07
N CYS A 19 2.29 -3.43 -2.17
CA CYS A 19 0.93 -2.92 -2.12
C CYS A 19 -0.05 -4.10 -2.17
N TRP A 20 -0.61 -4.43 -1.02
CA TRP A 20 -1.55 -5.52 -0.93
C TRP A 20 -2.97 -4.98 -0.85
N PRO A 21 -3.84 -5.40 -1.78
CA PRO A 21 -5.23 -4.94 -1.85
C PRO A 21 -6.01 -5.27 -0.59
N THR A 22 -6.94 -4.40 -0.25
CA THR A 22 -7.77 -4.59 0.94
C THR A 22 -9.18 -5.01 0.55
N VAL A 23 -10.15 -4.70 1.41
CA VAL A 23 -11.54 -5.06 1.16
C VAL A 23 -12.17 -4.14 0.11
N THR A 24 -11.66 -2.93 0.02
CA THR A 24 -12.18 -1.97 -0.94
C THR A 24 -11.43 -2.07 -2.27
N PRO A 25 -12.16 -2.35 -3.36
CA PRO A 25 -11.57 -2.48 -4.70
C PRO A 25 -10.84 -1.21 -5.14
N GLY A 26 -9.51 -1.30 -5.16
CA GLY A 26 -8.71 -0.15 -5.54
C GLY A 26 -7.91 0.38 -4.37
N VAL A 27 -8.23 -0.10 -3.18
CA VAL A 27 -7.55 0.30 -1.96
C VAL A 27 -6.59 -0.79 -1.51
N GLY A 28 -5.39 -0.40 -1.13
CA GLY A 28 -4.40 -1.36 -0.69
C GLY A 28 -3.46 -0.78 0.34
N ILE A 29 -2.83 -1.64 1.09
CA ILE A 29 -1.89 -1.22 2.14
C ILE A 29 -0.49 -1.73 1.85
N CYS A 30 0.48 -0.91 2.20
CA CYS A 30 1.89 -1.22 2.00
C CYS A 30 2.40 -2.12 3.12
N SER A 31 3.25 -3.05 2.74
CA SER A 31 3.84 -3.99 3.66
C SER A 31 5.28 -3.62 3.97
N SER A 32 5.97 -4.47 4.74
CA SER A 32 7.36 -4.23 5.14
C SER A 32 8.27 -3.85 3.97
N SER A 33 8.14 -4.57 2.86
CA SER A 33 8.95 -4.33 1.68
C SER A 33 8.17 -4.78 0.45
N GLY A 1 10.13 -0.10 6.69
CA GLY A 1 10.15 0.56 5.36
C GLY A 1 9.04 1.58 5.24
N CYS A 2 8.06 1.30 4.39
CA CYS A 2 6.94 2.19 4.17
C CYS A 2 5.63 1.50 4.58
N GLU A 3 5.66 0.82 5.70
CA GLU A 3 4.49 0.11 6.20
C GLU A 3 3.47 1.09 6.76
N GLY A 4 2.24 0.62 6.90
CA GLY A 4 1.18 1.46 7.41
C GLY A 4 0.86 2.62 6.50
N LYS A 5 0.93 2.38 5.20
CA LYS A 5 0.62 3.40 4.20
C LYS A 5 -0.34 2.82 3.19
N GLN A 6 -0.92 3.67 2.37
CA GLN A 6 -1.86 3.23 1.37
C GLN A 6 -1.24 3.24 0.00
N CYS A 7 -1.71 2.36 -0.86
CA CYS A 7 -1.18 2.28 -2.21
C CYS A 7 -2.30 2.44 -3.24
N GLY A 8 -2.04 2.06 -4.48
CA GLY A 8 -3.03 2.21 -5.52
C GLY A 8 -3.05 3.61 -6.07
N LEU A 9 -4.14 4.34 -5.83
CA LEU A 9 -4.25 5.71 -6.31
C LEU A 9 -3.61 6.66 -5.28
N PHE A 10 -4.05 6.55 -4.04
CA PHE A 10 -3.53 7.39 -2.97
C PHE A 10 -2.30 6.73 -2.34
N ARG A 11 -1.27 6.53 -3.16
CA ARG A 11 -0.06 5.88 -2.68
C ARG A 11 0.77 6.80 -1.79
N SER A 12 1.07 6.31 -0.60
CA SER A 12 1.87 7.06 0.36
C SER A 12 3.17 6.29 0.62
N CYS A 13 3.50 5.41 -0.32
CA CYS A 13 4.70 4.59 -0.24
C CYS A 13 5.32 4.46 -1.61
N GLY A 14 6.53 3.91 -1.66
CA GLY A 14 7.22 3.74 -2.92
C GLY A 14 7.85 2.38 -3.07
N GLY A 15 8.94 2.31 -3.83
CA GLY A 15 9.62 1.05 -4.05
C GLY A 15 10.18 0.47 -2.77
N GLY A 16 9.94 -0.82 -2.56
CA GLY A 16 10.42 -1.48 -1.37
C GLY A 16 9.29 -2.14 -0.61
N CYS A 17 8.11 -1.54 -0.71
CA CYS A 17 6.93 -2.05 -0.03
C CYS A 17 5.91 -2.55 -1.05
N ARG A 18 5.25 -3.62 -0.68
CA ARG A 18 4.25 -4.24 -1.54
C ARG A 18 2.90 -3.56 -1.39
N CYS A 19 2.15 -3.52 -2.46
CA CYS A 19 0.82 -2.95 -2.44
C CYS A 19 -0.18 -4.07 -2.24
N TRP A 20 -0.56 -4.29 -0.99
CA TRP A 20 -1.49 -5.35 -0.66
C TRP A 20 -2.91 -4.81 -0.60
N PRO A 21 -3.75 -5.23 -1.55
CA PRO A 21 -5.15 -4.77 -1.65
C PRO A 21 -5.97 -5.17 -0.43
N THR A 22 -6.96 -4.35 -0.11
CA THR A 22 -7.83 -4.59 1.02
C THR A 22 -9.18 -5.14 0.55
N VAL A 23 -10.22 -4.88 1.32
CA VAL A 23 -11.57 -5.36 0.99
C VAL A 23 -12.22 -4.46 -0.06
N THR A 24 -11.73 -3.23 -0.15
CA THR A 24 -12.28 -2.29 -1.11
C THR A 24 -11.42 -2.24 -2.38
N PRO A 25 -12.03 -2.52 -3.54
CA PRO A 25 -11.33 -2.53 -4.83
C PRO A 25 -10.67 -1.18 -5.13
N GLY A 26 -9.34 -1.17 -5.13
CA GLY A 26 -8.60 0.05 -5.38
C GLY A 26 -7.87 0.51 -4.14
N VAL A 27 -8.34 0.04 -3.00
CA VAL A 27 -7.75 0.38 -1.71
C VAL A 27 -6.75 -0.70 -1.30
N GLY A 28 -5.54 -0.29 -0.98
CA GLY A 28 -4.53 -1.23 -0.56
C GLY A 28 -3.58 -0.60 0.42
N ILE A 29 -2.79 -1.43 1.07
CA ILE A 29 -1.83 -0.96 2.06
C ILE A 29 -0.46 -1.54 1.81
N CYS A 30 0.55 -0.71 2.01
CA CYS A 30 1.93 -1.13 1.81
C CYS A 30 2.45 -1.86 3.02
N SER A 31 3.24 -2.88 2.75
CA SER A 31 3.81 -3.71 3.79
C SER A 31 5.33 -3.52 3.83
N SER A 32 6.02 -4.31 4.64
CA SER A 32 7.48 -4.19 4.75
C SER A 32 8.18 -4.48 3.43
N SER A 33 7.61 -5.40 2.66
CA SER A 33 8.14 -5.78 1.38
C SER A 33 7.00 -6.26 0.50
N GLY A 1 9.95 -0.75 5.61
CA GLY A 1 9.49 -0.31 4.27
C GLY A 1 8.39 0.72 4.36
N CYS A 2 7.24 0.42 3.78
CA CYS A 2 6.11 1.34 3.81
C CYS A 2 4.97 0.76 4.62
N GLU A 3 5.29 -0.06 5.61
CA GLU A 3 4.29 -0.69 6.46
C GLU A 3 3.46 0.35 7.19
N GLY A 4 2.23 -0.02 7.50
CA GLY A 4 1.34 0.87 8.22
C GLY A 4 0.82 2.01 7.35
N LYS A 5 0.97 1.89 6.04
CA LYS A 5 0.49 2.91 5.13
C LYS A 5 -0.49 2.32 4.13
N GLN A 6 -1.18 3.19 3.43
CA GLN A 6 -2.19 2.77 2.47
C GLN A 6 -1.76 3.12 1.05
N CYS A 7 -1.96 2.17 0.14
CA CYS A 7 -1.60 2.36 -1.26
C CYS A 7 -2.85 2.28 -2.14
N GLY A 8 -2.65 2.47 -3.44
CA GLY A 8 -3.75 2.42 -4.37
C GLY A 8 -3.56 3.43 -5.49
N LEU A 9 -4.55 3.58 -6.36
CA LEU A 9 -4.46 4.51 -7.48
C LEU A 9 -4.75 5.93 -7.03
N PHE A 10 -4.94 6.10 -5.73
CA PHE A 10 -5.22 7.40 -5.14
C PHE A 10 -4.31 7.62 -3.93
N ARG A 11 -3.26 6.81 -3.85
CA ARG A 11 -2.33 6.89 -2.74
C ARG A 11 -0.89 6.95 -3.24
N SER A 12 0.05 7.09 -2.32
CA SER A 12 1.46 7.17 -2.66
C SER A 12 2.29 6.37 -1.66
N CYS A 13 3.26 5.63 -2.16
CA CYS A 13 4.14 4.82 -1.34
C CYS A 13 5.46 4.60 -2.07
N GLY A 14 6.44 4.02 -1.37
CA GLY A 14 7.72 3.77 -1.99
C GLY A 14 7.67 2.63 -2.98
N GLY A 15 8.57 2.68 -3.96
CA GLY A 15 8.62 1.63 -4.98
C GLY A 15 9.17 0.33 -4.45
N GLY A 16 9.71 0.37 -3.24
CA GLY A 16 10.26 -0.81 -2.62
C GLY A 16 9.39 -1.30 -1.49
N CYS A 17 8.08 -1.15 -1.68
CA CYS A 17 7.10 -1.55 -0.70
C CYS A 17 5.95 -2.26 -1.40
N ARG A 18 5.36 -3.24 -0.73
CA ARG A 18 4.28 -4.02 -1.32
C ARG A 18 2.96 -3.29 -1.19
N CYS A 19 2.04 -3.62 -2.08
CA CYS A 19 0.71 -3.03 -2.08
C CYS A 19 -0.32 -4.15 -2.00
N TRP A 20 -0.66 -4.55 -0.79
CA TRP A 20 -1.62 -5.62 -0.58
C TRP A 20 -3.05 -5.07 -0.57
N PRO A 21 -3.86 -5.47 -1.55
CA PRO A 21 -5.25 -5.00 -1.67
C PRO A 21 -6.10 -5.37 -0.45
N THR A 22 -7.07 -4.52 -0.16
CA THR A 22 -7.96 -4.73 0.96
C THR A 22 -9.35 -5.14 0.48
N VAL A 23 -10.36 -4.80 1.26
CA VAL A 23 -11.74 -5.13 0.91
C VAL A 23 -12.30 -4.17 -0.13
N THR A 24 -11.70 -2.99 -0.21
CA THR A 24 -12.15 -1.98 -1.15
C THR A 24 -11.33 -2.05 -2.44
N PRO A 25 -12.00 -2.24 -3.58
CA PRO A 25 -11.34 -2.32 -4.89
C PRO A 25 -10.56 -1.06 -5.21
N GLY A 26 -9.24 -1.17 -5.18
CA GLY A 26 -8.38 -0.03 -5.46
C GLY A 26 -7.67 0.45 -4.22
N VAL A 27 -8.09 -0.08 -3.08
CA VAL A 27 -7.52 0.27 -1.80
C VAL A 27 -6.63 -0.86 -1.29
N GLY A 28 -5.43 -0.53 -0.85
CA GLY A 28 -4.53 -1.53 -0.35
C GLY A 28 -3.63 -0.97 0.73
N ILE A 29 -2.78 -1.82 1.28
CA ILE A 29 -1.86 -1.40 2.32
C ILE A 29 -0.42 -1.69 1.92
N CYS A 30 0.43 -0.72 2.21
CA CYS A 30 1.84 -0.82 1.90
C CYS A 30 2.55 -1.66 2.95
N SER A 31 3.44 -2.50 2.50
CA SER A 31 4.19 -3.37 3.39
C SER A 31 5.68 -3.06 3.30
N SER A 32 6.51 -3.95 3.83
CA SER A 32 7.96 -3.76 3.81
C SER A 32 8.47 -3.59 2.38
N SER A 33 8.35 -4.64 1.58
CA SER A 33 8.80 -4.62 0.20
C SER A 33 7.95 -5.60 -0.60
N GLY A 1 8.69 3.04 7.46
CA GLY A 1 8.86 4.09 6.41
C GLY A 1 7.62 4.27 5.57
N CYS A 2 7.18 3.19 4.93
CA CYS A 2 5.98 3.21 4.10
C CYS A 2 4.98 2.19 4.59
N GLU A 3 5.45 1.24 5.39
CA GLU A 3 4.60 0.21 5.96
C GLU A 3 3.50 0.83 6.81
N GLY A 4 2.32 0.25 6.75
CA GLY A 4 1.20 0.75 7.52
C GLY A 4 0.39 1.80 6.78
N LYS A 5 0.92 2.28 5.66
CA LYS A 5 0.21 3.27 4.87
C LYS A 5 -0.72 2.62 3.86
N GLN A 6 -1.53 3.44 3.23
CA GLN A 6 -2.50 2.98 2.25
C GLN A 6 -1.95 3.15 0.84
N CYS A 7 -2.25 2.18 -0.02
CA CYS A 7 -1.81 2.22 -1.40
C CYS A 7 -3.00 2.01 -2.34
N GLY A 8 -2.71 1.84 -3.62
CA GLY A 8 -3.76 1.65 -4.60
C GLY A 8 -3.89 2.86 -5.50
N LEU A 9 -5.08 3.47 -5.51
CA LEU A 9 -5.32 4.65 -6.33
C LEU A 9 -4.35 5.76 -5.94
N PHE A 10 -4.14 5.91 -4.63
CA PHE A 10 -3.21 6.88 -4.10
C PHE A 10 -2.36 6.19 -3.05
N ARG A 11 -1.05 6.36 -3.17
CA ARG A 11 -0.13 5.72 -2.23
C ARG A 11 0.90 6.70 -1.71
N SER A 12 1.15 6.64 -0.41
CA SER A 12 2.15 7.49 0.22
C SER A 12 3.41 6.68 0.44
N CYS A 13 3.64 5.74 -0.46
CA CYS A 13 4.78 4.84 -0.43
C CYS A 13 5.50 4.86 -1.77
N GLY A 14 6.79 4.58 -1.75
CA GLY A 14 7.56 4.57 -2.98
C GLY A 14 7.63 3.20 -3.61
N GLY A 15 8.48 3.04 -4.62
CA GLY A 15 8.62 1.78 -5.30
C GLY A 15 9.51 0.82 -4.55
N GLY A 16 9.18 0.57 -3.28
CA GLY A 16 9.95 -0.34 -2.46
C GLY A 16 9.11 -0.93 -1.36
N CYS A 17 7.80 -0.94 -1.57
CA CYS A 17 6.86 -1.47 -0.60
C CYS A 17 5.78 -2.28 -1.33
N ARG A 18 5.32 -3.34 -0.70
CA ARG A 18 4.30 -4.19 -1.30
C ARG A 18 2.92 -3.58 -1.12
N CYS A 19 2.15 -3.58 -2.19
CA CYS A 19 0.81 -3.04 -2.14
C CYS A 19 -0.20 -4.18 -2.08
N TRP A 20 -0.59 -4.54 -0.87
CA TRP A 20 -1.55 -5.61 -0.67
C TRP A 20 -2.95 -5.05 -0.63
N PRO A 21 -3.82 -5.50 -1.55
CA PRO A 21 -5.21 -5.02 -1.63
C PRO A 21 -6.03 -5.36 -0.39
N THR A 22 -7.07 -4.57 -0.19
CA THR A 22 -7.96 -4.75 0.94
C THR A 22 -9.36 -5.15 0.47
N VAL A 23 -10.37 -4.79 1.26
CA VAL A 23 -11.76 -5.12 0.92
C VAL A 23 -12.31 -4.14 -0.12
N THR A 24 -11.73 -2.96 -0.18
CA THR A 24 -12.18 -1.95 -1.13
C THR A 24 -11.37 -2.01 -2.42
N PRO A 25 -12.05 -2.19 -3.56
CA PRO A 25 -11.40 -2.27 -4.87
C PRO A 25 -10.59 -1.01 -5.19
N GLY A 26 -9.27 -1.18 -5.23
CA GLY A 26 -8.39 -0.06 -5.51
C GLY A 26 -7.70 0.44 -4.26
N VAL A 27 -8.09 -0.14 -3.13
CA VAL A 27 -7.52 0.24 -1.84
C VAL A 27 -6.65 -0.90 -1.31
N GLY A 28 -5.48 -0.55 -0.81
CA GLY A 28 -4.58 -1.54 -0.27
C GLY A 28 -3.67 -0.94 0.78
N ILE A 29 -2.72 -1.71 1.26
CA ILE A 29 -1.79 -1.25 2.27
C ILE A 29 -0.36 -1.61 1.92
N CYS A 30 0.55 -0.70 2.21
CA CYS A 30 1.97 -0.88 1.93
C CYS A 30 2.62 -1.73 2.99
N SER A 31 3.44 -2.65 2.55
CA SER A 31 4.16 -3.55 3.43
C SER A 31 5.61 -3.10 3.52
N SER A 32 6.43 -3.88 4.21
CA SER A 32 7.85 -3.56 4.39
C SER A 32 8.57 -3.33 3.06
N SER A 33 8.44 -4.27 2.14
CA SER A 33 9.09 -4.18 0.84
C SER A 33 8.26 -4.91 -0.21
#